data_8VYL
#
_entry.id   8VYL
#
_cell.length_a   188.761
_cell.length_b   74.837
_cell.length_c   57.875
_cell.angle_alpha   90.00
_cell.angle_beta   91.44
_cell.angle_gamma   90.00
#
_symmetry.space_group_name_H-M   'C 1 2 1'
#
loop_
_entity.id
_entity.type
_entity.pdbx_description
1 polymer 'Hemoglobin subunit alpha'
2 polymer 'Hemoglobin subunit beta'
3 polymer 'Nanobody BtNbE11'
4 non-polymer 'PROTOPORPHYRIN IX CONTAINING FE'
5 non-polymer 'ACETYL GROUP'
6 water water
#
loop_
_entity_poly.entity_id
_entity_poly.type
_entity_poly.pdbx_seq_one_letter_code
_entity_poly.pdbx_strand_id
1 'polypeptide(L)'
;MVLSPADKTNVKAAWGKVGAHAGEYGAEALERMFLSFPTTKTYFPHFDLSHGSAQVKGHGKKVADALTNAVAHVDDMPNA
LSALSDLHAHKLRVDPVNFKLLSHCLLVTLAAHLPAEFTPAVHASLDKFLASVSTVLTSKYR
;
A,C
2 'polypeptide(L)'
;MVHLTPEEKSAVTALWGKVNVDEVGGEALGRLLVVYPWTQRFFESFGDLSTPDAVMGNPKVKAHGKKVLGAFSDGLAHLD
NLKGTFATLSELHCDKLHVDPENFRLLGNVLVCVLAHHFGKEFTPPVQAAYQKVVAGVANALAHKYH
;
B,D
3 'polypeptide(L)'
;MGAQVQLQESGGGLVQPGGSLRLSCAASGFIFSTYSMGWFRQAPGKEREFVAASTWGGVTTNYADSVKGRFTISTDNAKN
TVYLQMNSLNSGDTAVYYCAAARFLQNARLTTGPYDYWGQGTQVTVSSGGGSLEHHHHHH
;
F,E
#
# COMPACT_ATOMS: atom_id res chain seq x y z
N VAL A 2 13.10 2.60 -9.90
CA VAL A 2 14.24 2.94 -10.76
C VAL A 2 14.15 4.41 -11.16
N LEU A 3 15.18 5.18 -10.80
CA LEU A 3 15.20 6.60 -11.08
C LEU A 3 15.69 6.85 -12.51
N SER A 4 15.03 7.79 -13.20
CA SER A 4 15.50 8.20 -14.52
C SER A 4 16.65 9.19 -14.39
N PRO A 5 17.41 9.40 -15.47
CA PRO A 5 18.45 10.44 -15.43
C PRO A 5 17.90 11.80 -15.07
N ALA A 6 16.69 12.14 -15.54
CA ALA A 6 16.12 13.43 -15.21
C ALA A 6 15.74 13.51 -13.74
N ASP A 7 15.26 12.40 -13.17
CA ASP A 7 14.97 12.36 -11.74
C ASP A 7 16.21 12.69 -10.91
N LYS A 8 17.34 12.04 -11.22
CA LYS A 8 18.57 12.28 -10.48
C LYS A 8 18.99 13.74 -10.56
N THR A 9 18.92 14.34 -11.75
CA THR A 9 19.27 15.76 -11.88
C THR A 9 18.33 16.64 -11.07
N ASN A 10 17.03 16.35 -11.12
CA ASN A 10 16.05 17.13 -10.36
C ASN A 10 16.30 17.03 -8.86
N VAL A 11 16.59 15.82 -8.38
CA VAL A 11 16.77 15.62 -6.94
C VAL A 11 18.04 16.31 -6.47
N LYS A 12 19.13 16.13 -7.22
CA LYS A 12 20.39 16.79 -6.88
C LYS A 12 20.22 18.30 -6.82
N ALA A 13 19.55 18.88 -7.81
CA ALA A 13 19.34 20.32 -7.84
C ALA A 13 18.48 20.79 -6.68
N ALA A 14 17.37 20.09 -6.42
CA ALA A 14 16.46 20.51 -5.37
C ALA A 14 17.06 20.26 -3.99
N TRP A 15 17.59 19.06 -3.75
CA TRP A 15 18.07 18.77 -2.41
C TRP A 15 19.31 19.60 -2.06
N GLY A 16 20.13 19.93 -3.07
CA GLY A 16 21.29 20.77 -2.84
C GLY A 16 20.95 22.14 -2.29
N LYS A 17 19.69 22.58 -2.42
CA LYS A 17 19.28 23.84 -1.84
C LYS A 17 19.03 23.73 -0.33
N VAL A 18 18.96 22.52 0.21
CA VAL A 18 18.79 22.36 1.65
C VAL A 18 20.01 22.87 2.39
N GLY A 19 21.19 22.41 2.00
CA GLY A 19 22.41 22.96 2.55
C GLY A 19 22.41 22.91 4.06
N ALA A 20 22.69 24.07 4.68
CA ALA A 20 22.83 24.19 6.12
C ALA A 20 21.51 24.03 6.86
N HIS A 21 20.39 23.92 6.16
CA HIS A 21 19.09 23.73 6.81
C HIS A 21 18.78 22.26 7.08
N ALA A 22 19.73 21.36 6.86
CA ALA A 22 19.48 19.92 7.02
C ALA A 22 18.77 19.61 8.33
N GLY A 23 19.36 20.05 9.45
CA GLY A 23 18.76 19.74 10.74
C GLY A 23 17.36 20.30 10.90
N GLU A 24 17.19 21.58 10.55
CA GLU A 24 15.88 22.20 10.71
C GLU A 24 14.82 21.48 9.89
N TYR A 25 15.14 21.16 8.64
CA TYR A 25 14.16 20.50 7.79
C TYR A 25 13.90 19.06 8.25
N GLY A 26 14.94 18.34 8.66
CA GLY A 26 14.74 17.00 9.15
C GLY A 26 13.91 16.96 10.42
N ALA A 27 14.18 17.89 11.34
CA ALA A 27 13.41 17.93 12.58
C ALA A 27 11.95 18.29 12.29
N GLU A 28 11.72 19.20 11.33
CA GLU A 28 10.36 19.61 11.01
C GLU A 28 9.58 18.48 10.36
N ALA A 29 10.22 17.76 9.44
CA ALA A 29 9.56 16.60 8.82
C ALA A 29 9.16 15.57 9.86
N LEU A 30 10.04 15.31 10.84
CA LEU A 30 9.71 14.37 11.91
C LEU A 30 8.55 14.90 12.76
N GLU A 31 8.62 16.16 13.19
CA GLU A 31 7.52 16.72 13.97
C GLU A 31 6.19 16.66 13.21
N ARG A 32 6.22 16.95 11.91
CA ARG A 32 5.01 16.84 11.10
C ARG A 32 4.49 15.40 11.14
N MET A 33 5.38 14.44 10.95
CA MET A 33 4.97 13.04 10.97
C MET A 33 4.38 12.66 12.32
N PHE A 34 5.07 13.01 13.41
CA PHE A 34 4.59 12.60 14.74
C PHE A 34 3.21 13.16 15.04
N LEU A 35 2.94 14.41 14.62
CA LEU A 35 1.65 15.04 14.88
C LEU A 35 0.58 14.52 13.91
N SER A 36 0.90 14.42 12.63
CA SER A 36 -0.10 14.00 11.65
C SER A 36 -0.40 12.51 11.74
N PHE A 37 0.56 11.70 12.18
CA PHE A 37 0.42 10.24 12.21
C PHE A 37 0.96 9.73 13.53
N PRO A 38 0.21 9.90 14.62
CA PRO A 38 0.75 9.61 15.95
C PRO A 38 1.26 8.19 16.12
N THR A 39 0.74 7.22 15.36
CA THR A 39 1.22 5.84 15.50
C THR A 39 2.71 5.73 15.25
N THR A 40 3.27 6.60 14.40
CA THR A 40 4.70 6.59 14.15
C THR A 40 5.50 6.83 15.43
N LYS A 41 4.90 7.42 16.46
CA LYS A 41 5.61 7.69 17.70
C LYS A 41 6.00 6.41 18.45
N THR A 42 5.38 5.26 18.16
CA THR A 42 5.74 4.04 18.87
C THR A 42 7.16 3.59 18.57
N TYR A 43 7.77 4.11 17.50
CA TYR A 43 9.15 3.73 17.20
C TYR A 43 10.17 4.55 17.98
N PHE A 44 9.74 5.60 18.69
CA PHE A 44 10.64 6.44 19.48
C PHE A 44 10.19 6.50 20.94
N PRO A 45 10.12 5.36 21.61
CA PRO A 45 9.53 5.34 22.96
C PRO A 45 10.32 6.09 24.01
N HIS A 46 11.62 6.31 23.81
CA HIS A 46 12.45 6.99 24.79
C HIS A 46 12.74 8.43 24.42
N PHE A 47 12.09 8.94 23.37
CA PHE A 47 12.32 10.31 22.93
C PHE A 47 11.44 11.29 23.68
N ASP A 48 11.98 12.48 23.90
CA ASP A 48 11.16 13.65 24.18
C ASP A 48 10.64 14.15 22.83
N LEU A 49 9.34 14.00 22.60
CA LEU A 49 8.76 14.32 21.29
C LEU A 49 8.05 15.67 21.29
N SER A 50 8.25 16.49 22.32
CA SER A 50 7.62 17.81 22.34
C SER A 50 8.28 18.72 21.30
N HIS A 51 7.57 19.79 20.96
CA HIS A 51 8.06 20.73 19.94
C HIS A 51 9.42 21.29 20.34
N GLY A 52 10.37 21.23 19.42
CA GLY A 52 11.69 21.75 19.65
C GLY A 52 12.59 20.89 20.50
N SER A 53 12.15 19.68 20.85
CA SER A 53 12.96 18.80 21.68
C SER A 53 14.34 18.58 21.04
N ALA A 54 15.38 18.63 21.86
CA ALA A 54 16.73 18.40 21.36
C ALA A 54 16.88 17.03 20.72
N GLN A 55 16.20 16.02 21.25
CA GLN A 55 16.31 14.69 20.68
C GLN A 55 15.78 14.65 19.25
N VAL A 56 14.67 15.34 18.99
CA VAL A 56 14.14 15.41 17.64
C VAL A 56 15.07 16.21 16.74
N LYS A 57 15.63 17.31 17.25
CA LYS A 57 16.60 18.09 16.49
C LYS A 57 17.79 17.23 16.07
N GLY A 58 18.43 16.55 17.04
CA GLY A 58 19.57 15.71 16.73
C GLY A 58 19.24 14.63 15.71
N HIS A 59 18.13 13.94 15.90
CA HIS A 59 17.74 12.88 14.97
C HIS A 59 17.35 13.45 13.61
N GLY A 60 16.67 14.60 13.58
CA GLY A 60 16.33 15.20 12.30
C GLY A 60 17.55 15.49 11.47
N LYS A 61 18.63 15.96 12.10
CA LYS A 61 19.88 16.18 11.39
C LYS A 61 20.41 14.87 10.82
N LYS A 62 20.33 13.80 11.60
CA LYS A 62 20.83 12.51 11.14
C LYS A 62 20.07 12.02 9.91
N VAL A 63 18.75 12.20 9.90
CA VAL A 63 17.94 11.75 8.76
C VAL A 63 18.27 12.58 7.51
N ALA A 64 18.32 13.90 7.66
CA ALA A 64 18.61 14.75 6.51
C ALA A 64 20.01 14.49 5.98
N ASP A 65 20.98 14.27 6.88
CA ASP A 65 22.34 13.99 6.44
C ASP A 65 22.41 12.65 5.72
N ALA A 66 21.57 11.68 6.09
CA ALA A 66 21.54 10.42 5.36
C ALA A 66 20.99 10.61 3.95
N LEU A 67 20.04 11.54 3.78
CA LEU A 67 19.50 11.77 2.45
C LEU A 67 20.51 12.48 1.55
N THR A 68 21.26 13.43 2.11
CA THR A 68 22.34 14.05 1.36
C THR A 68 23.33 13.00 0.86
N ASN A 69 23.70 12.06 1.73
CA ASN A 69 24.59 10.98 1.33
C ASN A 69 23.96 10.12 0.24
N ALA A 70 22.68 9.79 0.40
CA ALA A 70 21.99 9.00 -0.63
C ALA A 70 21.96 9.73 -1.96
N VAL A 71 21.75 11.06 -1.93
CA VAL A 71 21.77 11.85 -3.16
C VAL A 71 23.15 11.78 -3.81
N ALA A 72 24.21 11.85 -3.01
CA ALA A 72 25.56 11.76 -3.52
C ALA A 72 25.88 10.39 -4.09
N HIS A 73 25.14 9.36 -3.69
CA HIS A 73 25.37 7.99 -4.14
C HIS A 73 24.12 7.42 -4.78
N VAL A 74 23.38 8.28 -5.50
CA VAL A 74 22.11 7.88 -6.07
C VAL A 74 22.27 6.73 -7.06
N ASP A 75 23.49 6.52 -7.56
CA ASP A 75 23.74 5.40 -8.48
C ASP A 75 24.05 4.10 -7.76
N ASP A 76 24.30 4.12 -6.46
CA ASP A 76 24.63 2.92 -5.70
C ASP A 76 24.06 3.05 -4.28
N MET A 77 22.78 3.38 -4.19
CA MET A 77 22.18 3.59 -2.88
C MET A 77 22.17 2.35 -2.01
N PRO A 78 21.86 1.15 -2.52
CA PRO A 78 21.94 -0.04 -1.65
C PRO A 78 23.28 -0.16 -0.95
N ASN A 79 24.37 0.17 -1.64
CA ASN A 79 25.69 0.14 -1.00
C ASN A 79 25.84 1.27 0.02
N ALA A 80 25.42 2.49 -0.34
CA ALA A 80 25.63 3.63 0.54
C ALA A 80 24.73 3.59 1.78
N LEU A 81 23.62 2.86 1.73
CA LEU A 81 22.66 2.83 2.83
C LEU A 81 22.59 1.47 3.53
N SER A 82 23.58 0.61 3.31
CA SER A 82 23.51 -0.77 3.81
C SER A 82 23.32 -0.81 5.32
N ALA A 83 24.14 -0.06 6.05
CA ALA A 83 24.02 -0.06 7.52
C ALA A 83 22.65 0.44 7.94
N LEU A 84 22.13 1.46 7.26
CA LEU A 84 20.79 1.96 7.56
C LEU A 84 19.72 0.93 7.25
N SER A 85 19.93 0.11 6.22
CA SER A 85 18.95 -0.91 5.87
C SER A 85 18.77 -1.93 6.99
N ASP A 86 19.88 -2.42 7.55
CA ASP A 86 19.77 -3.38 8.64
C ASP A 86 19.16 -2.74 9.89
N LEU A 87 19.54 -1.50 10.19
CA LEU A 87 18.96 -0.82 11.34
C LEU A 87 17.43 -0.79 11.26
N HIS A 88 16.89 -0.35 10.12
CA HIS A 88 15.45 -0.18 10.02
C HIS A 88 14.71 -1.49 9.76
N ALA A 89 15.26 -2.36 8.90
CA ALA A 89 14.56 -3.60 8.55
C ALA A 89 14.77 -4.69 9.59
N HIS A 90 16.01 -4.87 10.07
CA HIS A 90 16.27 -5.96 11.01
C HIS A 90 16.06 -5.56 12.47
N LYS A 91 16.83 -4.58 12.94
CA LYS A 91 16.76 -4.16 14.34
C LYS A 91 15.40 -3.54 14.67
N LEU A 92 15.01 -2.51 13.93
CA LEU A 92 13.85 -1.71 14.33
C LEU A 92 12.52 -2.30 13.86
N ARG A 93 12.52 -3.12 12.81
CA ARG A 93 11.30 -3.76 12.31
C ARG A 93 10.23 -2.74 11.95
N VAL A 94 10.64 -1.68 11.24
CA VAL A 94 9.71 -0.60 10.90
C VAL A 94 8.76 -1.08 9.82
N ASP A 95 7.47 -0.99 10.10
CA ASP A 95 6.45 -1.36 9.11
C ASP A 95 6.60 -0.47 7.88
N PRO A 96 6.65 -1.03 6.68
CA PRO A 96 6.89 -0.20 5.49
C PRO A 96 5.96 1.00 5.34
N VAL A 97 4.73 0.94 5.85
CA VAL A 97 3.80 2.06 5.67
C VAL A 97 4.36 3.34 6.27
N ASN A 98 5.23 3.22 7.27
CA ASN A 98 5.73 4.40 7.95
C ASN A 98 6.66 5.22 7.06
N PHE A 99 7.38 4.56 6.14
CA PHE A 99 8.25 5.28 5.22
C PHE A 99 7.45 6.17 4.28
N LYS A 100 6.23 5.76 3.93
CA LYS A 100 5.39 6.62 3.11
C LYS A 100 4.98 7.86 3.89
N LEU A 101 4.74 7.72 5.19
CA LEU A 101 4.36 8.88 5.98
C LEU A 101 5.51 9.87 6.11
N LEU A 102 6.70 9.38 6.48
CA LEU A 102 7.85 10.29 6.58
C LEU A 102 8.19 10.92 5.24
N SER A 103 8.14 10.13 4.16
CA SER A 103 8.42 10.67 2.83
C SER A 103 7.46 11.80 2.49
N HIS A 104 6.18 11.58 2.76
CA HIS A 104 5.19 12.63 2.53
C HIS A 104 5.50 13.88 3.35
N CYS A 105 5.83 13.69 4.63
CA CYS A 105 6.12 14.84 5.49
C CYS A 105 7.40 15.54 5.07
N LEU A 106 8.31 14.82 4.42
CA LEU A 106 9.50 15.46 3.87
C LEU A 106 9.16 16.31 2.65
N LEU A 107 8.33 15.80 1.75
CA LEU A 107 7.86 16.63 0.65
C LEU A 107 7.17 17.88 1.16
N VAL A 108 6.28 17.72 2.14
CA VAL A 108 5.58 18.87 2.71
C VAL A 108 6.58 19.91 3.20
N THR A 109 7.65 19.47 3.87
CA THR A 109 8.63 20.41 4.40
C THR A 109 9.39 21.12 3.29
N LEU A 110 9.77 20.37 2.25
CA LEU A 110 10.46 20.99 1.12
C LEU A 110 9.56 21.96 0.38
N ALA A 111 8.28 21.63 0.23
CA ALA A 111 7.35 22.53 -0.47
C ALA A 111 7.17 23.83 0.31
N ALA A 112 7.10 23.73 1.63
CA ALA A 112 6.91 24.92 2.45
C ALA A 112 8.15 25.81 2.45
N HIS A 113 9.34 25.22 2.38
CA HIS A 113 10.58 25.96 2.53
C HIS A 113 11.24 26.34 1.22
N LEU A 114 11.02 25.58 0.15
CA LEU A 114 11.70 25.79 -1.13
C LEU A 114 10.66 25.87 -2.24
N PRO A 115 9.78 26.87 -2.18
CA PRO A 115 8.69 26.96 -3.17
C PRO A 115 9.16 26.97 -4.60
N ALA A 116 10.26 27.69 -4.90
CA ALA A 116 10.76 27.74 -6.27
C ALA A 116 11.25 26.39 -6.77
N GLU A 117 11.62 25.49 -5.88
CA GLU A 117 12.13 24.20 -6.31
C GLU A 117 11.05 23.14 -6.53
N PHE A 118 9.84 23.36 -6.01
CA PHE A 118 8.81 22.33 -5.95
C PHE A 118 7.87 22.38 -7.14
N THR A 119 8.43 22.36 -8.34
CA THR A 119 7.65 22.24 -9.56
C THR A 119 7.06 20.84 -9.67
N PRO A 120 6.00 20.67 -10.46
CA PRO A 120 5.39 19.34 -10.60
C PRO A 120 6.40 18.24 -10.94
N ALA A 121 7.31 18.49 -11.88
CA ALA A 121 8.26 17.47 -12.30
C ALA A 121 9.28 17.17 -11.20
N VAL A 122 9.71 18.19 -10.46
CA VAL A 122 10.67 17.97 -9.37
C VAL A 122 9.97 17.30 -8.19
N HIS A 123 8.76 17.74 -7.85
CA HIS A 123 7.89 17.02 -6.93
C HIS A 123 7.88 15.53 -7.25
N ALA A 124 7.64 15.19 -8.52
CA ALA A 124 7.57 13.78 -8.91
C ALA A 124 8.89 13.07 -8.68
N SER A 125 10.01 13.73 -9.04
CA SER A 125 11.31 13.12 -8.88
C SER A 125 11.65 12.92 -7.41
N LEU A 126 11.39 13.94 -6.58
CA LEU A 126 11.60 13.80 -5.14
C LEU A 126 10.82 12.62 -4.57
N ASP A 127 9.56 12.51 -4.95
CA ASP A 127 8.73 11.40 -4.48
C ASP A 127 9.35 10.06 -4.88
N LYS A 128 9.77 9.92 -6.13
CA LYS A 128 10.40 8.68 -6.55
C LYS A 128 11.71 8.44 -5.79
N PHE A 129 12.50 9.50 -5.60
CA PHE A 129 13.73 9.36 -4.83
C PHE A 129 13.43 8.86 -3.43
N LEU A 130 12.47 9.49 -2.75
CA LEU A 130 12.15 9.09 -1.38
C LEU A 130 11.64 7.66 -1.32
N ALA A 131 10.87 7.26 -2.33
CA ALA A 131 10.39 5.88 -2.39
C ALA A 131 11.54 4.91 -2.62
N SER A 132 12.53 5.30 -3.44
CA SER A 132 13.70 4.45 -3.66
C SER A 132 14.50 4.28 -2.39
N VAL A 133 14.73 5.38 -1.65
CA VAL A 133 15.39 5.28 -0.36
C VAL A 133 14.62 4.37 0.58
N SER A 134 13.29 4.51 0.60
CA SER A 134 12.47 3.69 1.50
C SER A 134 12.56 2.21 1.13
N THR A 135 12.52 1.91 -0.18
CA THR A 135 12.68 0.53 -0.62
C THR A 135 13.98 -0.09 -0.11
N VAL A 136 15.07 0.68 -0.18
CA VAL A 136 16.37 0.17 0.27
C VAL A 136 16.37 -0.08 1.77
N LEU A 137 15.87 0.88 2.55
CA LEU A 137 15.92 0.79 4.00
C LEU A 137 14.99 -0.29 4.56
N THR A 138 14.03 -0.75 3.77
CA THR A 138 13.19 -1.86 4.20
C THR A 138 13.75 -3.15 3.62
N VAL B 2 15.41 -4.83 -2.39
CA VAL B 2 16.78 -5.25 -2.68
C VAL B 2 17.00 -6.70 -2.24
N LEU B 3 17.38 -7.54 -3.20
CA LEU B 3 17.54 -8.97 -2.94
C LEU B 3 18.91 -9.28 -2.35
N SER B 4 18.93 -10.19 -1.40
CA SER B 4 20.17 -10.70 -0.83
C SER B 4 20.79 -11.76 -1.74
N PRO B 5 22.06 -12.08 -1.54
CA PRO B 5 22.64 -13.22 -2.28
C PRO B 5 21.87 -14.51 -2.08
N ALA B 6 21.34 -14.73 -0.86
CA ALA B 6 20.58 -15.94 -0.60
C ALA B 6 19.24 -15.92 -1.33
N ASP B 7 18.61 -14.75 -1.41
CA ASP B 7 17.38 -14.63 -2.20
C ASP B 7 17.62 -15.05 -3.64
N LYS B 8 18.70 -14.54 -4.24
CA LYS B 8 19.03 -14.90 -5.61
C LYS B 8 19.19 -16.41 -5.76
N THR B 9 19.85 -17.04 -4.78
CA THR B 9 20.01 -18.49 -4.81
C THR B 9 18.66 -19.21 -4.72
N ASN B 10 17.80 -18.76 -3.81
CA ASN B 10 16.49 -19.39 -3.63
C ASN B 10 15.65 -19.32 -4.91
N VAL B 11 15.62 -18.15 -5.54
CA VAL B 11 14.74 -17.96 -6.69
C VAL B 11 15.24 -18.75 -7.89
N LYS B 12 16.54 -18.71 -8.16
CA LYS B 12 17.09 -19.49 -9.27
C LYS B 12 16.80 -20.97 -9.09
N ALA B 13 17.03 -21.50 -7.89
CA ALA B 13 16.79 -22.92 -7.65
C ALA B 13 15.32 -23.25 -7.82
N ALA B 14 14.44 -22.42 -7.26
CA ALA B 14 13.01 -22.71 -7.31
C ALA B 14 12.45 -22.48 -8.70
N TRP B 15 12.78 -21.34 -9.33
CA TRP B 15 12.19 -21.04 -10.63
C TRP B 15 12.78 -21.92 -11.74
N GLY B 16 14.06 -22.29 -11.63
CA GLY B 16 14.62 -23.19 -12.62
C GLY B 16 13.91 -24.51 -12.72
N LYS B 17 13.14 -24.88 -11.69
CA LYS B 17 12.32 -26.09 -11.72
C LYS B 17 11.02 -25.88 -12.49
N VAL B 18 10.71 -24.64 -12.89
CA VAL B 18 9.52 -24.40 -13.72
C VAL B 18 9.67 -25.10 -15.05
N GLY B 19 10.78 -24.85 -15.74
CA GLY B 19 11.10 -25.58 -16.96
C GLY B 19 9.99 -25.49 -18.00
N ALA B 20 9.56 -26.68 -18.47
CA ALA B 20 8.57 -26.76 -19.54
C ALA B 20 7.19 -26.35 -19.11
N HIS B 21 6.97 -26.06 -17.83
CA HIS B 21 5.67 -25.61 -17.35
C HIS B 21 5.49 -24.11 -17.46
N ALA B 22 6.44 -23.40 -18.07
CA ALA B 22 6.39 -21.94 -18.12
C ALA B 22 5.04 -21.42 -18.58
N GLY B 23 4.61 -21.84 -19.78
CA GLY B 23 3.35 -21.35 -20.30
C GLY B 23 2.17 -21.70 -19.41
N GLU B 24 2.12 -22.97 -18.97
CA GLU B 24 1.01 -23.42 -18.14
C GLU B 24 0.95 -22.67 -16.82
N TYR B 25 2.11 -22.46 -16.17
CA TYR B 25 2.12 -21.77 -14.89
C TYR B 25 1.77 -20.30 -15.05
N GLY B 26 2.31 -19.67 -16.10
CA GLY B 26 1.94 -18.28 -16.36
C GLY B 26 0.47 -18.13 -16.70
N ALA B 27 -0.07 -19.06 -17.48
CA ALA B 27 -1.49 -18.98 -17.82
C ALA B 27 -2.36 -19.20 -16.60
N GLU B 28 -1.99 -20.14 -15.73
CA GLU B 28 -2.80 -20.41 -14.54
C GLU B 28 -2.76 -19.23 -13.56
N ALA B 29 -1.59 -18.61 -13.39
CA ALA B 29 -1.51 -17.43 -12.55
C ALA B 29 -2.40 -16.32 -13.07
N LEU B 30 -2.44 -16.13 -14.40
CA LEU B 30 -3.32 -15.13 -14.98
C LEU B 30 -4.78 -15.48 -14.78
N GLU B 31 -5.14 -16.74 -15.08
CA GLU B 31 -6.52 -17.18 -14.87
C GLU B 31 -6.92 -17.02 -13.40
N ARG B 32 -6.01 -17.33 -12.48
CA ARG B 32 -6.29 -17.12 -11.07
C ARG B 32 -6.53 -15.64 -10.77
N MET B 33 -5.68 -14.76 -11.32
CA MET B 33 -5.83 -13.33 -11.07
C MET B 33 -7.16 -12.80 -11.62
N PHE B 34 -7.47 -13.14 -12.87
CA PHE B 34 -8.70 -12.62 -13.48
C PHE B 34 -9.93 -13.06 -12.70
N LEU B 35 -9.91 -14.29 -12.18
CA LEU B 35 -11.06 -14.82 -11.44
C LEU B 35 -11.14 -14.24 -10.03
N SER B 36 -10.02 -14.23 -9.30
CA SER B 36 -10.05 -13.73 -7.93
C SER B 36 -10.14 -12.21 -7.88
N PHE B 37 -9.66 -11.53 -8.91
CA PHE B 37 -9.60 -10.06 -8.92
C PHE B 37 -10.09 -9.56 -10.27
N PRO B 38 -11.41 -9.57 -10.48
CA PRO B 38 -11.96 -9.28 -11.82
C PRO B 38 -11.57 -7.92 -12.38
N THR B 39 -11.28 -6.93 -11.53
CA THR B 39 -10.91 -5.62 -12.06
C THR B 39 -9.66 -5.71 -12.93
N THR B 40 -8.78 -6.68 -12.65
CA THR B 40 -7.60 -6.83 -13.48
C THR B 40 -7.93 -7.10 -14.94
N LYS B 41 -9.13 -7.63 -15.23
CA LYS B 41 -9.50 -7.91 -16.61
C LYS B 41 -9.64 -6.65 -17.44
N THR B 42 -9.81 -5.50 -16.79
CA THR B 42 -9.98 -4.23 -17.50
C THR B 42 -8.73 -3.85 -18.30
N TYR B 43 -7.58 -4.44 -17.99
CA TYR B 43 -6.36 -4.18 -18.76
C TYR B 43 -6.27 -5.01 -20.02
N PHE B 44 -7.16 -5.98 -20.22
CA PHE B 44 -7.16 -6.83 -21.41
C PHE B 44 -8.51 -6.73 -22.12
N PRO B 45 -8.91 -5.53 -22.53
CA PRO B 45 -10.29 -5.32 -23.00
C PRO B 45 -10.62 -6.06 -24.29
N HIS B 46 -9.65 -6.38 -25.13
CA HIS B 46 -9.93 -7.06 -26.39
C HIS B 46 -9.49 -8.52 -26.38
N PHE B 47 -9.11 -9.04 -25.21
CA PHE B 47 -8.67 -10.43 -25.09
C PHE B 47 -9.87 -11.35 -24.91
N ASP B 48 -9.73 -12.57 -25.43
CA ASP B 48 -10.56 -13.69 -25.01
C ASP B 48 -10.02 -14.21 -23.69
N LEU B 49 -10.75 -13.93 -22.60
CA LEU B 49 -10.32 -14.28 -21.25
C LEU B 49 -11.07 -15.48 -20.69
N SER B 50 -11.78 -16.23 -21.51
CA SER B 50 -12.53 -17.36 -21.01
C SER B 50 -11.59 -18.47 -20.55
N HIS B 51 -12.14 -19.39 -19.75
CA HIS B 51 -11.34 -20.46 -19.16
C HIS B 51 -10.64 -21.26 -20.26
N GLY B 52 -9.32 -21.41 -20.12
CA GLY B 52 -8.57 -22.16 -21.10
C GLY B 52 -8.25 -21.42 -22.38
N SER B 53 -8.50 -20.11 -22.42
CA SER B 53 -8.29 -19.32 -23.64
C SER B 53 -6.86 -19.46 -24.17
N ALA B 54 -6.76 -19.69 -25.48
CA ALA B 54 -5.44 -19.76 -26.11
C ALA B 54 -4.70 -18.43 -25.97
N GLN B 55 -5.43 -17.32 -26.00
CA GLN B 55 -4.81 -16.01 -25.86
C GLN B 55 -4.18 -15.86 -24.49
N VAL B 56 -4.86 -16.36 -23.45
CA VAL B 56 -4.31 -16.29 -22.10
C VAL B 56 -3.09 -17.21 -21.97
N LYS B 57 -3.15 -18.39 -22.58
CA LYS B 57 -1.97 -19.25 -22.61
C LYS B 57 -0.79 -18.51 -23.24
N GLY B 58 -0.99 -17.91 -24.41
CA GLY B 58 0.07 -17.16 -25.06
C GLY B 58 0.64 -16.08 -24.17
N HIS B 59 -0.23 -15.27 -23.56
CA HIS B 59 0.25 -14.22 -22.68
C HIS B 59 0.93 -14.81 -21.44
N GLY B 60 0.40 -15.91 -20.91
CA GLY B 60 1.02 -16.55 -19.76
C GLY B 60 2.44 -17.00 -20.03
N LYS B 61 2.69 -17.57 -21.21
CA LYS B 61 4.07 -17.93 -21.57
C LYS B 61 4.94 -16.69 -21.65
N LYS B 62 4.43 -15.62 -22.26
CA LYS B 62 5.23 -14.40 -22.38
C LYS B 62 5.57 -13.82 -21.01
N VAL B 63 4.62 -13.86 -20.07
CA VAL B 63 4.90 -13.40 -18.71
C VAL B 63 5.90 -14.33 -18.04
N ALA B 64 5.69 -15.63 -18.17
CA ALA B 64 6.60 -16.60 -17.57
C ALA B 64 8.00 -16.50 -18.16
N ASP B 65 8.09 -16.27 -19.48
CA ASP B 65 9.39 -16.14 -20.12
C ASP B 65 10.13 -14.87 -19.66
N ALA B 66 9.40 -13.80 -19.37
CA ALA B 66 10.05 -12.59 -18.88
C ALA B 66 10.61 -12.79 -17.48
N LEU B 67 9.97 -13.63 -16.66
CA LEU B 67 10.49 -13.89 -15.32
C LEU B 67 11.74 -14.77 -15.38
N THR B 68 11.76 -15.73 -16.30
CA THR B 68 12.99 -16.50 -16.49
C THR B 68 14.14 -15.57 -16.86
N ASN B 69 13.90 -14.63 -17.78
CA ASN B 69 14.94 -13.68 -18.13
C ASN B 69 15.36 -12.85 -16.92
N ALA B 70 14.40 -12.36 -16.14
CA ALA B 70 14.73 -11.57 -14.95
C ALA B 70 15.57 -12.37 -13.97
N VAL B 71 15.25 -13.67 -13.79
CA VAL B 71 16.05 -14.52 -12.91
C VAL B 71 17.48 -14.62 -13.42
N ALA B 72 17.64 -14.81 -14.74
CA ALA B 72 18.98 -14.93 -15.31
C ALA B 72 19.77 -13.64 -15.25
N HIS B 73 19.10 -12.49 -15.14
CA HIS B 73 19.74 -11.18 -15.10
C HIS B 73 19.34 -10.44 -13.83
N VAL B 74 19.18 -11.19 -12.74
CA VAL B 74 18.67 -10.62 -11.50
C VAL B 74 19.56 -9.54 -10.94
N ASP B 75 20.83 -9.50 -11.35
CA ASP B 75 21.74 -8.46 -10.92
C ASP B 75 21.64 -7.20 -11.75
N ASP B 76 20.89 -7.22 -12.85
CA ASP B 76 20.78 -6.10 -13.76
C ASP B 76 19.36 -6.00 -14.32
N MET B 77 18.37 -6.06 -13.42
CA MET B 77 16.98 -6.09 -13.85
C MET B 77 16.54 -4.84 -14.60
N PRO B 78 16.87 -3.62 -14.15
CA PRO B 78 16.47 -2.44 -14.92
C PRO B 78 16.90 -2.49 -16.37
N ASN B 79 18.12 -2.92 -16.64
CA ASN B 79 18.58 -3.03 -18.02
C ASN B 79 17.82 -4.14 -18.75
N ALA B 80 17.69 -5.30 -18.12
CA ALA B 80 17.07 -6.44 -18.78
C ALA B 80 15.56 -6.28 -18.96
N LEU B 81 14.92 -5.41 -18.17
CA LEU B 81 13.47 -5.22 -18.23
C LEU B 81 13.10 -3.86 -18.81
N SER B 82 14.06 -3.20 -19.46
CA SER B 82 13.84 -1.82 -19.92
C SER B 82 12.60 -1.71 -20.80
N ALA B 83 12.51 -2.56 -21.82
CA ALA B 83 11.36 -2.47 -22.73
C ALA B 83 10.06 -2.77 -21.99
N LEU B 84 10.03 -3.79 -21.14
CA LEU B 84 8.82 -4.11 -20.39
C LEU B 84 8.45 -2.97 -19.44
N SER B 85 9.45 -2.32 -18.86
CA SER B 85 9.16 -1.21 -17.96
C SER B 85 8.41 -0.10 -18.70
N ASP B 86 8.90 0.26 -19.89
CA ASP B 86 8.23 1.30 -20.67
C ASP B 86 6.82 0.86 -21.07
N LEU B 87 6.67 -0.41 -21.43
CA LEU B 87 5.36 -0.94 -21.78
C LEU B 87 4.35 -0.76 -20.63
N HIS B 88 4.71 -1.21 -19.43
CA HIS B 88 3.74 -1.24 -18.33
C HIS B 88 3.55 0.14 -17.70
N ALA B 89 4.63 0.86 -17.48
CA ALA B 89 4.53 2.15 -16.79
C ALA B 89 4.08 3.25 -17.75
N HIS B 90 4.66 3.31 -18.95
CA HIS B 90 4.38 4.39 -19.88
C HIS B 90 3.15 4.10 -20.75
N LYS B 91 3.18 3.00 -21.51
CA LYS B 91 2.08 2.64 -22.40
C LYS B 91 0.80 2.31 -21.62
N LEU B 92 0.87 1.30 -20.75
CA LEU B 92 -0.34 0.72 -20.18
C LEU B 92 -0.85 1.46 -18.94
N ARG B 93 0.02 2.20 -18.23
CA ARG B 93 -0.38 2.94 -17.04
C ARG B 93 -0.99 1.98 -16.00
N VAL B 94 -0.31 0.86 -15.78
CA VAL B 94 -0.84 -0.18 -14.91
C VAL B 94 -0.76 0.29 -13.47
N ASP B 95 -1.89 0.30 -12.79
CA ASP B 95 -1.91 0.69 -11.39
C ASP B 95 -1.06 -0.29 -10.58
N PRO B 96 -0.14 0.20 -9.75
CA PRO B 96 0.79 -0.70 -9.02
C PRO B 96 0.10 -1.80 -8.22
N VAL B 97 -1.12 -1.58 -7.72
CA VAL B 97 -1.77 -2.60 -6.92
C VAL B 97 -1.93 -3.90 -7.70
N ASN B 98 -2.04 -3.81 -9.04
CA ASN B 98 -2.27 -5.01 -9.83
C ASN B 98 -1.04 -5.92 -9.86
N PHE B 99 0.15 -5.35 -9.73
CA PHE B 99 1.35 -6.19 -9.66
C PHE B 99 1.35 -7.03 -8.40
N LYS B 100 0.79 -6.50 -7.30
CA LYS B 100 0.70 -7.31 -6.09
C LYS B 100 -0.29 -8.46 -6.27
N LEU B 101 -1.37 -8.26 -7.03
CA LEU B 101 -2.32 -9.33 -7.28
C LEU B 101 -1.69 -10.42 -8.16
N LEU B 102 -1.06 -10.03 -9.26
CA LEU B 102 -0.43 -11.04 -10.12
C LEU B 102 0.67 -11.78 -9.37
N SER B 103 1.45 -11.06 -8.55
CA SER B 103 2.49 -11.71 -7.77
C SER B 103 1.90 -12.74 -6.82
N HIS B 104 0.82 -12.38 -6.12
CA HIS B 104 0.18 -13.33 -5.22
C HIS B 104 -0.29 -14.57 -5.99
N CYS B 105 -0.92 -14.37 -7.14
CA CYS B 105 -1.43 -15.53 -7.89
C CYS B 105 -0.28 -16.38 -8.45
N LEU B 106 0.88 -15.77 -8.69
CA LEU B 106 2.04 -16.56 -9.09
C LEU B 106 2.53 -17.43 -7.95
N LEU B 107 2.63 -16.85 -6.75
CA LEU B 107 3.02 -17.63 -5.58
C LEU B 107 2.06 -18.80 -5.38
N VAL B 108 0.75 -18.53 -5.47
CA VAL B 108 -0.24 -19.61 -5.33
C VAL B 108 0.01 -20.69 -6.37
N THR B 109 0.32 -20.29 -7.61
CA THR B 109 0.54 -21.27 -8.67
C THR B 109 1.80 -22.09 -8.41
N LEU B 110 2.86 -21.45 -7.94
CA LEU B 110 4.08 -22.19 -7.63
C LEU B 110 3.85 -23.11 -6.44
N ALA B 111 3.13 -22.64 -5.43
CA ALA B 111 2.86 -23.46 -4.25
C ALA B 111 2.01 -24.68 -4.59
N ALA B 112 1.06 -24.51 -5.50
CA ALA B 112 0.20 -25.65 -5.85
C ALA B 112 0.94 -26.68 -6.68
N HIS B 113 1.84 -26.23 -7.56
CA HIS B 113 2.47 -27.13 -8.51
C HIS B 113 3.83 -27.64 -8.08
N LEU B 114 4.55 -26.87 -7.25
CA LEU B 114 5.92 -27.18 -6.85
C LEU B 114 6.05 -27.09 -5.33
N PRO B 115 5.33 -27.93 -4.59
CA PRO B 115 5.36 -27.82 -3.12
C PRO B 115 6.77 -27.87 -2.54
N ALA B 116 7.64 -28.73 -3.06
CA ALA B 116 8.99 -28.85 -2.52
C ALA B 116 9.76 -27.54 -2.64
N GLU B 117 9.39 -26.68 -3.58
CA GLU B 117 10.08 -25.42 -3.77
C GLU B 117 9.52 -24.30 -2.90
N PHE B 118 8.37 -24.50 -2.27
CA PHE B 118 7.69 -23.45 -1.52
C PHE B 118 7.94 -23.56 -0.03
N THR B 119 9.20 -23.67 0.40
CA THR B 119 9.48 -23.61 1.82
C THR B 119 9.31 -22.19 2.31
N PRO B 120 9.12 -22.00 3.61
CA PRO B 120 8.98 -20.63 4.14
C PRO B 120 10.08 -19.71 3.64
N ALA B 121 11.34 -20.17 3.63
CA ALA B 121 12.44 -19.29 3.25
C ALA B 121 12.40 -18.97 1.76
N VAL B 122 12.05 -19.94 0.92
CA VAL B 122 11.95 -19.68 -0.51
C VAL B 122 10.71 -18.85 -0.81
N HIS B 123 9.59 -19.17 -0.15
CA HIS B 123 8.42 -18.29 -0.18
C HIS B 123 8.83 -16.83 0.00
N ALA B 124 9.65 -16.54 1.02
CA ALA B 124 10.03 -15.17 1.28
C ALA B 124 10.83 -14.58 0.12
N SER B 125 11.78 -15.35 -0.42
CA SER B 125 12.63 -14.85 -1.50
C SER B 125 11.82 -14.61 -2.78
N LEU B 126 11.00 -15.57 -3.18
CA LEU B 126 10.17 -15.39 -4.38
C LEU B 126 9.32 -14.13 -4.27
N ASP B 127 8.69 -13.92 -3.12
CA ASP B 127 7.88 -12.71 -2.94
C ASP B 127 8.71 -11.45 -3.17
N LYS B 128 9.91 -11.40 -2.59
CA LYS B 128 10.77 -10.24 -2.79
C LYS B 128 11.18 -10.10 -4.25
N PHE B 129 11.51 -11.22 -4.89
CA PHE B 129 11.87 -11.17 -6.31
C PHE B 129 10.72 -10.60 -7.13
N LEU B 130 9.52 -11.10 -6.91
CA LEU B 130 8.36 -10.59 -7.65
C LEU B 130 8.11 -9.12 -7.34
N ALA B 131 8.37 -8.70 -6.11
CA ALA B 131 8.22 -7.29 -5.77
C ALA B 131 9.27 -6.43 -6.48
N SER B 132 10.51 -6.93 -6.57
CA SER B 132 11.55 -6.18 -7.26
C SER B 132 11.22 -6.05 -8.75
N VAL B 133 10.76 -7.14 -9.37
CA VAL B 133 10.33 -7.05 -10.75
C VAL B 133 9.22 -6.02 -10.89
N SER B 134 8.26 -6.04 -9.96
CA SER B 134 7.14 -5.12 -10.07
C SER B 134 7.60 -3.67 -9.93
N THR B 135 8.48 -3.39 -8.97
CA THR B 135 9.05 -2.05 -8.83
C THR B 135 9.65 -1.59 -10.14
N VAL B 136 10.40 -2.45 -10.83
CA VAL B 136 11.02 -2.06 -12.10
C VAL B 136 9.95 -1.81 -13.15
N LEU B 137 8.95 -2.69 -13.24
CA LEU B 137 7.94 -2.57 -14.29
C LEU B 137 7.01 -1.38 -14.06
N THR B 138 6.99 -0.84 -12.85
CA THR B 138 6.18 0.33 -12.54
C THR B 138 6.99 1.62 -12.58
N SER B 139 8.23 1.57 -13.06
CA SER B 139 9.15 2.70 -13.10
C SER B 139 9.22 3.29 -14.50
N LYS B 140 9.67 4.54 -14.56
CA LYS B 140 9.88 5.25 -15.83
C LYS B 140 11.32 5.76 -15.84
N TYR B 141 12.15 5.19 -16.71
CA TYR B 141 13.54 5.63 -16.83
C TYR B 141 14.03 5.58 -18.28
N HIS C 3 -13.32 13.74 16.06
CA HIS C 3 -12.66 14.03 14.79
C HIS C 3 -11.68 15.19 14.95
N LEU C 4 -12.21 16.41 14.90
CA LEU C 4 -11.39 17.62 14.93
C LEU C 4 -11.68 18.41 16.20
N THR C 5 -10.63 18.80 16.92
CA THR C 5 -10.82 19.61 18.10
C THR C 5 -11.30 20.99 17.68
N PRO C 6 -11.90 21.75 18.59
CA PRO C 6 -12.28 23.12 18.25
C PRO C 6 -11.15 23.92 17.62
N GLU C 7 -9.93 23.79 18.13
CA GLU C 7 -8.83 24.58 17.60
C GLU C 7 -8.30 24.05 16.28
N GLU C 8 -8.74 22.85 15.89
CA GLU C 8 -8.41 22.27 14.60
C GLU C 8 -9.43 22.70 13.55
N LYS C 9 -10.71 22.57 13.90
CA LYS C 9 -11.75 23.08 13.03
C LYS C 9 -11.57 24.56 12.74
N SER C 10 -11.15 25.32 13.75
CA SER C 10 -10.95 26.75 13.53
C SER C 10 -9.75 27.02 12.62
N ALA C 11 -8.69 26.23 12.77
CA ALA C 11 -7.53 26.40 11.91
C ALA C 11 -7.82 25.94 10.48
N VAL C 12 -8.58 24.87 10.33
CA VAL C 12 -8.91 24.37 9.00
C VAL C 12 -9.74 25.40 8.25
N THR C 13 -10.82 25.87 8.86
CA THR C 13 -11.69 26.85 8.21
C THR C 13 -10.92 28.12 7.87
N ALA C 14 -10.01 28.55 8.75
CA ALA C 14 -9.25 29.77 8.48
C ALA C 14 -8.43 29.61 7.21
N LEU C 15 -7.66 28.52 7.12
CA LEU C 15 -6.83 28.33 5.95
C LEU C 15 -7.67 28.14 4.69
N TRP C 16 -8.81 27.48 4.81
CA TRP C 16 -9.64 27.25 3.63
C TRP C 16 -10.26 28.54 3.10
N GLY C 17 -10.54 29.52 3.97
CA GLY C 17 -11.00 30.80 3.50
C GLY C 17 -10.02 31.53 2.58
N LYS C 18 -8.76 31.11 2.59
CA LYS C 18 -7.71 31.72 1.78
C LYS C 18 -7.41 30.92 0.53
N VAL C 19 -8.18 29.88 0.25
CA VAL C 19 -7.90 28.96 -0.84
C VAL C 19 -8.87 29.27 -1.98
N ASN C 20 -8.33 29.41 -3.19
CA ASN C 20 -9.18 29.56 -4.37
C ASN C 20 -9.57 28.14 -4.81
N VAL C 21 -10.77 27.71 -4.43
CA VAL C 21 -11.14 26.30 -4.60
C VAL C 21 -11.01 25.87 -6.06
N ASP C 22 -11.46 26.73 -6.98
CA ASP C 22 -11.28 26.45 -8.40
C ASP C 22 -9.83 26.09 -8.71
N GLU C 23 -8.91 27.02 -8.43
CA GLU C 23 -7.53 26.89 -8.93
C GLU C 23 -6.77 25.81 -8.18
N VAL C 24 -7.01 25.68 -6.88
CA VAL C 24 -6.31 24.66 -6.09
C VAL C 24 -6.63 23.27 -6.62
N GLY C 25 -7.87 23.07 -7.10
CA GLY C 25 -8.26 21.78 -7.61
C GLY C 25 -7.51 21.37 -8.85
N GLY C 26 -7.37 22.29 -9.81
CA GLY C 26 -6.59 22.00 -11.00
C GLY C 26 -5.14 21.70 -10.69
N GLU C 27 -4.54 22.45 -9.77
CA GLU C 27 -3.16 22.22 -9.40
C GLU C 27 -2.98 20.84 -8.77
N ALA C 28 -3.85 20.48 -7.83
CA ALA C 28 -3.70 19.21 -7.13
C ALA C 28 -3.97 18.02 -8.04
N LEU C 29 -5.03 18.09 -8.86
CA LEU C 29 -5.30 16.99 -9.78
C LEU C 29 -4.18 16.88 -10.82
N GLY C 30 -3.76 18.01 -11.37
CA GLY C 30 -2.60 17.99 -12.27
C GLY C 30 -1.40 17.34 -11.63
N ARG C 31 -1.08 17.74 -10.40
CA ARG C 31 0.08 17.16 -9.72
C ARG C 31 -0.08 15.67 -9.48
N LEU C 32 -1.30 15.21 -9.15
CA LEU C 32 -1.54 13.78 -8.99
C LEU C 32 -1.18 13.03 -10.27
N LEU C 33 -1.62 13.55 -11.42
CA LEU C 33 -1.39 12.88 -12.70
C LEU C 33 0.08 12.93 -13.09
N VAL C 34 0.81 13.95 -12.64
CA VAL C 34 2.23 14.03 -12.96
C VAL C 34 3.03 13.15 -12.02
N VAL C 35 2.72 13.21 -10.72
CA VAL C 35 3.54 12.53 -9.72
C VAL C 35 3.27 11.02 -9.70
N TYR C 36 2.05 10.59 -10.02
CA TYR C 36 1.67 9.16 -10.06
C TYR C 36 1.03 8.87 -11.42
N PRO C 37 1.84 8.65 -12.45
CA PRO C 37 1.30 8.69 -13.82
C PRO C 37 0.26 7.61 -14.11
N TRP C 38 0.23 6.52 -13.35
CA TRP C 38 -0.80 5.51 -13.64
C TRP C 38 -2.20 6.06 -13.45
N THR C 39 -2.37 7.11 -12.62
CA THR C 39 -3.70 7.68 -12.43
C THR C 39 -4.24 8.31 -13.71
N GLN C 40 -3.36 8.66 -14.66
CA GLN C 40 -3.83 9.16 -15.94
C GLN C 40 -4.71 8.15 -16.66
N ARG C 41 -4.56 6.84 -16.37
CA ARG C 41 -5.36 5.87 -17.09
C ARG C 41 -6.86 6.08 -16.86
N PHE C 42 -7.23 6.60 -15.68
CA PHE C 42 -8.65 6.82 -15.41
C PHE C 42 -9.22 7.98 -16.18
N PHE C 43 -8.38 8.77 -16.84
CA PHE C 43 -8.78 10.01 -17.49
C PHE C 43 -8.43 10.00 -18.98
N GLU C 44 -8.60 8.85 -19.65
CA GLU C 44 -8.20 8.76 -21.07
C GLU C 44 -8.85 9.86 -21.87
N SER C 45 -10.13 10.12 -21.61
CA SER C 45 -10.96 11.03 -22.38
C SER C 45 -10.58 12.49 -22.18
N PHE C 46 -9.63 12.80 -21.31
CA PHE C 46 -9.28 14.19 -21.04
C PHE C 46 -8.27 14.73 -22.05
N GLY C 47 -7.77 13.90 -22.95
CA GLY C 47 -6.88 14.35 -24.00
C GLY C 47 -5.41 14.16 -23.71
N ASP C 48 -4.61 15.19 -24.01
CA ASP C 48 -3.15 15.10 -23.99
C ASP C 48 -2.64 15.18 -22.56
N LEU C 49 -2.13 14.07 -22.04
CA LEU C 49 -1.47 13.99 -20.74
C LEU C 49 -0.09 13.37 -20.87
N SER C 50 0.62 13.69 -21.96
CA SER C 50 1.86 13.00 -22.31
C SER C 50 3.10 13.58 -21.65
N THR C 51 3.02 14.78 -21.09
CA THR C 51 4.14 15.41 -20.42
C THR C 51 3.60 16.22 -19.26
N PRO C 52 4.43 16.51 -18.26
CA PRO C 52 3.98 17.40 -17.16
C PRO C 52 3.38 18.71 -17.65
N ASP C 53 4.05 19.38 -18.59
CA ASP C 53 3.50 20.61 -19.17
C ASP C 53 2.14 20.36 -19.81
N ALA C 54 1.99 19.27 -20.56
CA ALA C 54 0.69 18.97 -21.15
C ALA C 54 -0.36 18.76 -20.07
N VAL C 55 -0.04 17.98 -19.04
CA VAL C 55 -1.00 17.75 -17.95
C VAL C 55 -1.39 19.07 -17.30
N MET C 56 -0.40 19.88 -16.92
CA MET C 56 -0.72 21.10 -16.18
C MET C 56 -1.43 22.14 -17.04
N GLY C 57 -1.32 22.05 -18.36
CA GLY C 57 -2.08 22.92 -19.24
C GLY C 57 -3.40 22.36 -19.72
N ASN C 58 -3.68 21.10 -19.43
CA ASN C 58 -4.87 20.44 -19.96
C ASN C 58 -6.14 21.07 -19.40
N PRO C 59 -7.05 21.56 -20.23
CA PRO C 59 -8.26 22.22 -19.70
C PRO C 59 -9.28 21.27 -19.09
N LYS C 60 -9.33 20.01 -19.51
CA LYS C 60 -10.24 19.07 -18.87
C LYS C 60 -9.77 18.73 -17.47
N VAL C 61 -8.45 18.66 -17.27
CA VAL C 61 -7.91 18.50 -15.93
C VAL C 61 -8.31 19.68 -15.05
N LYS C 62 -8.06 20.91 -15.53
CA LYS C 62 -8.42 22.10 -14.77
C LYS C 62 -9.90 22.08 -14.40
N ALA C 63 -10.76 21.74 -15.35
CA ALA C 63 -12.19 21.77 -15.09
C ALA C 63 -12.60 20.67 -14.12
N HIS C 64 -12.08 19.47 -14.30
CA HIS C 64 -12.43 18.39 -13.40
C HIS C 64 -11.86 18.60 -12.01
N GLY C 65 -10.69 19.27 -11.91
CA GLY C 65 -10.14 19.62 -10.61
C GLY C 65 -11.08 20.50 -9.80
N LYS C 66 -11.72 21.47 -10.45
CA LYS C 66 -12.71 22.30 -9.77
C LYS C 66 -13.79 21.43 -9.13
N LYS C 67 -14.27 20.40 -9.84
CA LYS C 67 -15.31 19.56 -9.27
C LYS C 67 -14.77 18.74 -8.10
N VAL C 68 -13.57 18.20 -8.23
CA VAL C 68 -12.98 17.42 -7.13
C VAL C 68 -12.88 18.29 -5.89
N LEU C 69 -12.35 19.51 -6.03
CA LEU C 69 -12.15 20.35 -4.87
C LEU C 69 -13.45 20.93 -4.35
N GLY C 70 -14.47 21.06 -5.21
CA GLY C 70 -15.78 21.43 -4.71
C GLY C 70 -16.34 20.39 -3.76
N ALA C 71 -16.11 19.10 -4.05
CA ALA C 71 -16.55 18.04 -3.16
C ALA C 71 -15.76 18.03 -1.85
N PHE C 72 -14.44 18.28 -1.91
CA PHE C 72 -13.67 18.44 -0.68
C PHE C 72 -14.26 19.55 0.18
N SER C 73 -14.52 20.71 -0.45
CA SER C 73 -15.15 21.82 0.25
C SER C 73 -16.48 21.38 0.87
N ASP C 74 -17.27 20.59 0.13
CA ASP C 74 -18.52 20.08 0.68
C ASP C 74 -18.24 19.16 1.88
N GLY C 75 -17.17 18.38 1.82
CA GLY C 75 -16.80 17.56 2.96
C GLY C 75 -16.52 18.38 4.19
N LEU C 76 -15.91 19.56 4.02
CA LEU C 76 -15.56 20.38 5.17
C LEU C 76 -16.78 20.92 5.91
N ALA C 77 -17.92 21.01 5.23
CA ALA C 77 -19.17 21.43 5.85
C ALA C 77 -19.96 20.28 6.46
N HIS C 78 -19.52 19.03 6.29
CA HIS C 78 -20.24 17.88 6.83
C HIS C 78 -19.26 16.88 7.43
N LEU C 79 -18.33 17.37 8.24
CA LEU C 79 -17.26 16.53 8.76
C LEU C 79 -17.78 15.37 9.61
N ASP C 80 -18.99 15.45 10.13
CA ASP C 80 -19.50 14.36 10.95
C ASP C 80 -20.35 13.36 10.18
N ASN C 81 -20.58 13.57 8.88
CA ASN C 81 -21.27 12.62 8.05
C ASN C 81 -20.67 12.62 6.64
N LEU C 82 -19.39 12.28 6.56
CA LEU C 82 -18.72 12.27 5.27
C LEU C 82 -19.17 11.06 4.46
N LYS C 83 -19.41 9.93 5.13
CA LYS C 83 -19.87 8.76 4.42
C LYS C 83 -21.19 9.02 3.71
N GLY C 84 -22.08 9.82 4.32
CA GLY C 84 -23.34 10.15 3.71
C GLY C 84 -23.21 11.19 2.61
N THR C 85 -22.37 12.20 2.84
CA THR C 85 -22.17 13.23 1.83
C THR C 85 -21.56 12.66 0.55
N PHE C 86 -20.71 11.63 0.68
CA PHE C 86 -19.98 11.07 -0.44
C PHE C 86 -20.57 9.76 -0.94
N ALA C 87 -21.84 9.49 -0.60
CA ALA C 87 -22.43 8.19 -0.92
C ALA C 87 -22.48 7.97 -2.44
N THR C 88 -22.78 9.03 -3.19
CA THR C 88 -22.83 8.88 -4.65
C THR C 88 -21.43 8.75 -5.24
N LEU C 89 -20.49 9.58 -4.78
CA LEU C 89 -19.13 9.52 -5.29
C LEU C 89 -18.47 8.18 -4.96
N SER C 90 -18.78 7.62 -3.79
CA SER C 90 -18.26 6.31 -3.42
C SER C 90 -18.75 5.25 -4.40
N GLU C 91 -20.03 5.21 -4.67
CA GLU C 91 -20.53 4.23 -5.65
C GLU C 91 -19.78 4.42 -6.97
N LEU C 92 -19.64 5.67 -7.41
CA LEU C 92 -19.01 5.91 -8.71
C LEU C 92 -17.56 5.45 -8.72
N HIS C 93 -16.78 5.84 -7.71
CA HIS C 93 -15.35 5.54 -7.69
C HIS C 93 -15.08 4.08 -7.41
N CYS C 94 -15.91 3.44 -6.59
CA CYS C 94 -15.66 2.06 -6.18
C CYS C 94 -16.38 1.04 -7.05
N ASP C 95 -17.69 1.23 -7.26
CA ASP C 95 -18.50 0.23 -7.93
C ASP C 95 -18.47 0.38 -9.45
N LYS C 96 -18.18 1.56 -9.97
CA LYS C 96 -18.15 1.80 -11.41
C LYS C 96 -16.75 1.99 -11.96
N LEU C 97 -15.93 2.83 -11.32
CA LEU C 97 -14.60 3.13 -11.82
C LEU C 97 -13.54 2.18 -11.30
N HIS C 98 -13.77 1.58 -10.14
CA HIS C 98 -12.82 0.62 -9.55
C HIS C 98 -11.46 1.27 -9.34
N VAL C 99 -11.48 2.47 -8.76
CA VAL C 99 -10.27 3.16 -8.35
C VAL C 99 -9.75 2.48 -7.08
N ASP C 100 -8.52 1.98 -7.14
CA ASP C 100 -7.94 1.42 -5.93
C ASP C 100 -7.94 2.49 -4.83
N PRO C 101 -8.36 2.16 -3.62
CA PRO C 101 -8.50 3.20 -2.59
C PRO C 101 -7.20 3.87 -2.20
N GLU C 102 -6.05 3.23 -2.41
CA GLU C 102 -4.80 3.90 -2.09
C GLU C 102 -4.66 5.19 -2.88
N ASN C 103 -5.27 5.25 -4.08
CA ASN C 103 -5.20 6.49 -4.86
C ASN C 103 -5.97 7.63 -4.19
N PHE C 104 -7.03 7.32 -3.45
CA PHE C 104 -7.70 8.37 -2.68
C PHE C 104 -6.75 8.99 -1.66
N ARG C 105 -5.94 8.16 -1.01
CA ARG C 105 -4.95 8.65 -0.06
C ARG C 105 -3.92 9.54 -0.76
N LEU C 106 -3.45 9.10 -1.93
CA LEU C 106 -2.46 9.87 -2.68
C LEU C 106 -2.99 11.26 -3.04
N LEU C 107 -4.25 11.35 -3.49
CA LEU C 107 -4.78 12.64 -3.89
C LEU C 107 -4.91 13.57 -2.68
N GLY C 108 -5.38 13.04 -1.56
CA GLY C 108 -5.43 13.85 -0.35
C GLY C 108 -4.07 14.37 0.05
N ASN C 109 -3.03 13.55 -0.10
CA ASN C 109 -1.68 13.96 0.27
C ASN C 109 -1.10 14.95 -0.72
N VAL C 110 -1.43 14.82 -2.01
CA VAL C 110 -0.99 15.82 -2.97
C VAL C 110 -1.61 17.18 -2.63
N LEU C 111 -2.90 17.19 -2.27
CA LEU C 111 -3.53 18.44 -1.88
C LEU C 111 -2.81 19.08 -0.69
N VAL C 112 -2.45 18.25 0.29
CA VAL C 112 -1.69 18.76 1.44
C VAL C 112 -0.37 19.35 0.97
N CYS C 113 0.27 18.72 -0.03
CA CYS C 113 1.52 19.27 -0.56
C CYS C 113 1.29 20.64 -1.21
N VAL C 114 0.19 20.79 -1.94
CA VAL C 114 -0.12 22.07 -2.57
C VAL C 114 -0.35 23.14 -1.51
N LEU C 115 -1.10 22.81 -0.46
CA LEU C 115 -1.35 23.77 0.61
C LEU C 115 -0.04 24.21 1.25
N ALA C 116 0.85 23.26 1.55
CA ALA C 116 2.15 23.61 2.11
C ALA C 116 2.94 24.47 1.12
N HIS C 117 2.85 24.15 -0.16
CA HIS C 117 3.57 24.91 -1.19
C HIS C 117 3.19 26.37 -1.14
N HIS C 118 1.89 26.67 -1.12
CA HIS C 118 1.43 28.04 -1.21
C HIS C 118 1.40 28.79 0.12
N PHE C 119 1.27 28.09 1.25
CA PHE C 119 1.15 28.75 2.54
C PHE C 119 2.44 28.76 3.34
N GLY C 120 3.43 27.97 2.95
CA GLY C 120 4.72 28.00 3.63
C GLY C 120 4.61 27.83 5.12
N LYS C 121 5.36 28.68 5.84
CA LYS C 121 5.44 28.60 7.29
C LYS C 121 4.06 28.57 7.95
N GLU C 122 3.08 29.24 7.35
CA GLU C 122 1.74 29.23 7.92
C GLU C 122 1.14 27.82 8.00
N PHE C 123 1.55 26.92 7.10
CA PHE C 123 1.07 25.54 7.11
C PHE C 123 1.87 24.73 8.13
N THR C 124 1.58 25.01 9.40
CA THR C 124 2.38 24.47 10.49
C THR C 124 2.10 22.99 10.72
N PRO C 125 2.99 22.30 11.43
CA PRO C 125 2.80 20.89 11.73
C PRO C 125 1.40 20.64 12.30
N PRO C 126 0.96 21.42 13.29
CA PRO C 126 -0.41 21.20 13.80
C PRO C 126 -1.49 21.49 12.76
N VAL C 127 -1.29 22.50 11.92
CA VAL C 127 -2.27 22.77 10.86
C VAL C 127 -2.32 21.61 9.87
N GLN C 128 -1.15 21.14 9.43
CA GLN C 128 -1.13 19.98 8.54
C GLN C 128 -1.82 18.78 9.18
N ALA C 129 -1.60 18.57 10.48
CA ALA C 129 -2.20 17.42 11.15
C ALA C 129 -3.73 17.47 11.09
N ALA C 130 -4.32 18.65 11.30
CA ALA C 130 -5.77 18.75 11.14
C ALA C 130 -6.19 18.42 9.72
N TYR C 131 -5.43 18.91 8.74
CA TYR C 131 -5.77 18.60 7.35
C TYR C 131 -5.58 17.11 7.02
N GLN C 132 -4.63 16.43 7.66
CA GLN C 132 -4.48 15.00 7.41
C GLN C 132 -5.69 14.23 7.91
N LYS C 133 -6.28 14.65 9.02
CA LYS C 133 -7.53 14.05 9.50
C LYS C 133 -8.65 14.22 8.49
N VAL C 134 -8.73 15.42 7.90
CA VAL C 134 -9.79 15.69 6.92
C VAL C 134 -9.61 14.84 5.67
N VAL C 135 -8.41 14.83 5.09
CA VAL C 135 -8.25 14.08 3.85
C VAL C 135 -8.34 12.57 4.11
N ALA C 136 -7.99 12.13 5.32
CA ALA C 136 -8.19 10.71 5.65
C ALA C 136 -9.67 10.39 5.77
N GLY C 137 -10.45 11.30 6.37
CA GLY C 137 -11.88 11.09 6.43
C GLY C 137 -12.50 11.03 5.05
N VAL C 138 -12.07 11.91 4.16
CA VAL C 138 -12.60 11.94 2.79
C VAL C 138 -12.24 10.66 2.05
N ALA C 139 -10.97 10.25 2.11
CA ALA C 139 -10.58 9.01 1.45
C ALA C 139 -11.37 7.82 1.99
N ASN C 140 -11.59 7.78 3.30
CA ASN C 140 -12.35 6.67 3.88
C ASN C 140 -13.81 6.72 3.43
N ALA C 141 -14.41 7.90 3.39
CA ALA C 141 -15.78 8.02 2.92
C ALA C 141 -15.87 7.63 1.45
N LEU C 142 -14.86 7.98 0.65
CA LEU C 142 -14.85 7.59 -0.76
C LEU C 142 -14.71 6.09 -0.94
N ALA C 143 -13.97 5.42 -0.07
CA ALA C 143 -13.78 3.98 -0.16
C ALA C 143 -14.90 3.18 0.53
N HIS C 144 -15.92 3.86 1.05
CA HIS C 144 -16.91 3.20 1.91
C HIS C 144 -17.60 2.03 1.21
N LYS C 145 -17.90 2.15 -0.09
CA LYS C 145 -18.53 1.02 -0.77
C LYS C 145 -17.60 -0.17 -0.91
N TYR C 146 -16.32 -0.03 -0.54
CA TYR C 146 -15.38 -1.14 -0.47
C TYR C 146 -15.40 -1.83 0.89
N HIS C 147 -15.72 -1.09 1.95
CA HIS C 147 -15.61 -1.62 3.30
C HIS C 147 -16.74 -1.14 4.20
N VAL D 2 -19.37 -8.78 1.90
CA VAL D 2 -19.08 -10.20 1.69
C VAL D 2 -20.34 -10.96 1.32
N HIS D 3 -20.31 -11.62 0.16
CA HIS D 3 -21.43 -12.46 -0.26
C HIS D 3 -20.91 -13.55 -1.17
N LEU D 4 -21.32 -14.79 -0.90
CA LEU D 4 -20.84 -15.95 -1.65
C LEU D 4 -21.99 -16.64 -2.37
N THR D 5 -21.82 -17.90 -2.76
CA THR D 5 -22.85 -18.61 -3.51
C THR D 5 -22.60 -20.10 -3.38
N PRO D 6 -23.60 -20.94 -3.72
CA PRO D 6 -23.38 -22.38 -3.76
C PRO D 6 -22.16 -22.72 -4.61
N GLU D 7 -21.30 -23.59 -4.08
CA GLU D 7 -20.01 -23.88 -4.68
C GLU D 7 -19.04 -22.73 -4.38
N GLU D 8 -19.56 -21.63 -3.81
CA GLU D 8 -18.70 -20.61 -3.21
C GLU D 8 -18.79 -20.64 -1.70
N LYS D 9 -19.99 -20.42 -1.13
CA LYS D 9 -20.17 -20.62 0.30
C LYS D 9 -20.04 -22.09 0.66
N SER D 10 -20.59 -22.97 -0.18
CA SER D 10 -20.46 -24.40 0.03
C SER D 10 -19.05 -24.89 -0.30
N ALA D 11 -18.40 -24.29 -1.29
CA ALA D 11 -17.04 -24.71 -1.64
C ALA D 11 -16.05 -24.34 -0.54
N VAL D 12 -16.21 -23.17 0.07
CA VAL D 12 -15.34 -22.80 1.17
C VAL D 12 -15.54 -23.78 2.33
N THR D 13 -16.81 -23.99 2.72
CA THR D 13 -17.11 -24.90 3.81
C THR D 13 -16.57 -26.30 3.55
N ALA D 14 -16.61 -26.72 2.28
CA ALA D 14 -16.13 -28.07 1.94
C ALA D 14 -14.65 -28.22 2.26
N LEU D 15 -13.82 -27.32 1.71
CA LEU D 15 -12.38 -27.40 1.94
C LEU D 15 -11.99 -27.17 3.40
N TRP D 16 -12.73 -26.31 4.11
CA TRP D 16 -12.38 -26.02 5.50
C TRP D 16 -12.64 -27.22 6.40
N GLY D 17 -13.65 -28.02 6.10
CA GLY D 17 -13.86 -29.26 6.83
C GLY D 17 -12.69 -30.21 6.73
N LYS D 18 -11.77 -29.95 5.79
CA LYS D 18 -10.60 -30.78 5.55
C LYS D 18 -9.35 -30.19 6.19
N VAL D 19 -9.49 -29.09 6.95
CA VAL D 19 -8.38 -28.35 7.53
C VAL D 19 -8.36 -28.58 9.03
N ASN D 20 -7.18 -28.88 9.56
CA ASN D 20 -6.98 -29.02 11.01
C ASN D 20 -6.80 -27.61 11.60
N VAL D 21 -7.88 -27.08 12.17
CA VAL D 21 -7.90 -25.68 12.58
C VAL D 21 -6.74 -25.37 13.50
N ASP D 22 -6.41 -26.29 14.41
CA ASP D 22 -5.26 -26.11 15.28
C ASP D 22 -4.00 -25.77 14.48
N GLU D 23 -3.58 -26.69 13.61
CA GLU D 23 -2.24 -26.61 13.02
C GLU D 23 -2.13 -25.56 11.92
N VAL D 24 -3.19 -25.37 11.12
CA VAL D 24 -3.10 -24.43 10.00
C VAL D 24 -2.76 -23.02 10.49
N GLY D 25 -3.25 -22.65 11.68
CA GLY D 25 -2.94 -21.33 12.19
C GLY D 25 -1.46 -21.13 12.42
N GLY D 26 -0.80 -22.12 13.01
CA GLY D 26 0.64 -22.00 13.22
C GLY D 26 1.42 -21.85 11.94
N GLU D 27 1.05 -22.61 10.91
CA GLU D 27 1.74 -22.52 9.62
C GLU D 27 1.53 -21.14 8.98
N ALA D 28 0.29 -20.63 9.00
CA ALA D 28 0.00 -19.36 8.35
C ALA D 28 0.65 -18.20 9.11
N LEU D 29 0.53 -18.20 10.44
CA LEU D 29 1.17 -17.14 11.21
C LEU D 29 2.68 -17.23 11.10
N GLY D 30 3.25 -18.44 11.21
CA GLY D 30 4.68 -18.59 11.02
C GLY D 30 5.15 -18.00 9.71
N ARG D 31 4.48 -18.34 8.62
CA ARG D 31 4.87 -17.83 7.31
C ARG D 31 4.74 -16.31 7.23
N LEU D 32 3.71 -15.75 7.87
CA LEU D 32 3.60 -14.28 7.89
C LEU D 32 4.84 -13.66 8.53
N LEU D 33 5.27 -14.20 9.67
CA LEU D 33 6.42 -13.66 10.37
C LEU D 33 7.71 -13.87 9.59
N VAL D 34 7.77 -14.91 8.77
CA VAL D 34 8.98 -15.17 7.99
C VAL D 34 9.02 -14.32 6.73
N VAL D 35 7.89 -14.22 6.02
CA VAL D 35 7.89 -13.52 4.75
C VAL D 35 7.84 -12.01 4.93
N TYR D 36 7.22 -11.52 6.01
CA TYR D 36 7.09 -10.09 6.26
C TYR D 36 7.63 -9.80 7.66
N PRO D 37 8.95 -9.67 7.78
CA PRO D 37 9.58 -9.70 9.12
C PRO D 37 9.19 -8.54 10.04
N TRP D 38 8.70 -7.43 9.52
CA TRP D 38 8.32 -6.33 10.39
C TRP D 38 7.16 -6.73 11.31
N THR D 39 6.34 -7.69 10.89
CA THR D 39 5.26 -8.16 11.75
C THR D 39 5.80 -8.82 13.01
N GLN D 40 7.05 -9.27 13.01
CA GLN D 40 7.65 -9.81 14.21
C GLN D 40 7.63 -8.80 15.35
N ARG D 41 7.59 -7.51 15.05
CA ARG D 41 7.63 -6.49 16.10
C ARG D 41 6.44 -6.63 17.05
N PHE D 42 5.29 -7.08 16.55
CA PHE D 42 4.11 -7.25 17.38
C PHE D 42 4.20 -8.47 18.30
N PHE D 43 5.18 -9.36 18.11
CA PHE D 43 5.23 -10.59 18.89
C PHE D 43 6.58 -10.81 19.55
N GLU D 44 7.29 -9.75 19.93
CA GLU D 44 8.62 -9.95 20.52
C GLU D 44 8.56 -10.87 21.73
N SER D 45 7.46 -10.79 22.50
CA SER D 45 7.32 -11.61 23.69
C SER D 45 7.19 -13.10 23.38
N PHE D 46 7.17 -13.49 22.10
CA PHE D 46 6.99 -14.88 21.72
C PHE D 46 8.29 -15.68 21.70
N GLY D 47 9.43 -15.04 21.91
CA GLY D 47 10.68 -15.76 21.96
C GLY D 47 11.46 -15.73 20.66
N ASP D 48 12.00 -16.88 20.25
CA ASP D 48 12.93 -16.93 19.13
C ASP D 48 12.16 -16.87 17.82
N LEU D 49 12.26 -15.74 17.11
CA LEU D 49 11.74 -15.57 15.76
C LEU D 49 12.85 -15.14 14.81
N SER D 50 14.06 -15.65 15.03
CA SER D 50 15.23 -15.24 14.28
C SER D 50 15.48 -16.09 13.05
N THR D 51 14.81 -17.22 12.92
CA THR D 51 15.04 -18.14 11.82
C THR D 51 13.72 -18.72 11.34
N PRO D 52 13.64 -19.07 10.06
CA PRO D 52 12.44 -19.79 9.59
C PRO D 52 12.17 -21.04 10.41
N ASP D 53 13.20 -21.87 10.62
CA ASP D 53 13.04 -23.04 11.47
C ASP D 53 12.58 -22.64 12.87
N ALA D 54 13.19 -21.60 13.43
CA ALA D 54 12.80 -21.14 14.76
C ALA D 54 11.36 -20.69 14.78
N VAL D 55 10.95 -19.91 13.78
CA VAL D 55 9.58 -19.39 13.75
C VAL D 55 8.57 -20.53 13.75
N MET D 56 8.72 -21.49 12.83
CA MET D 56 7.73 -22.55 12.70
C MET D 56 7.74 -23.52 13.87
N GLY D 57 8.84 -23.60 14.62
CA GLY D 57 8.86 -24.44 15.80
C GLY D 57 8.46 -23.75 17.08
N ASN D 58 8.29 -22.43 17.05
CA ASN D 58 7.98 -21.65 18.24
C ASN D 58 6.63 -22.05 18.79
N PRO D 59 6.54 -22.51 20.05
CA PRO D 59 5.23 -22.95 20.58
C PRO D 59 4.27 -21.80 20.82
N LYS D 60 4.79 -20.58 21.01
CA LYS D 60 3.90 -19.42 21.15
C LYS D 60 3.28 -19.04 19.82
N VAL D 61 4.07 -19.11 18.74
CA VAL D 61 3.52 -18.90 17.40
C VAL D 61 2.49 -19.97 17.08
N LYS D 62 2.87 -21.24 17.26
CA LYS D 62 1.93 -22.33 17.06
C LYS D 62 0.66 -22.13 17.87
N ALA D 63 0.79 -21.74 19.14
CA ALA D 63 -0.38 -21.55 19.99
C ALA D 63 -1.19 -20.33 19.56
N HIS D 64 -0.52 -19.21 19.26
CA HIS D 64 -1.27 -18.03 18.85
C HIS D 64 -1.91 -18.22 17.48
N GLY D 65 -1.27 -18.99 16.59
CA GLY D 65 -1.91 -19.31 15.32
C GLY D 65 -3.24 -20.02 15.52
N LYS D 66 -3.29 -20.95 16.47
CA LYS D 66 -4.54 -21.66 16.78
C LYS D 66 -5.68 -20.68 17.03
N LYS D 67 -5.41 -19.64 17.82
CA LYS D 67 -6.45 -18.67 18.15
C LYS D 67 -6.82 -17.83 16.94
N VAL D 68 -5.83 -17.41 16.15
CA VAL D 68 -6.10 -16.59 14.97
C VAL D 68 -7.06 -17.32 14.04
N LEU D 69 -6.74 -18.57 13.70
CA LEU D 69 -7.57 -19.32 12.78
C LEU D 69 -8.87 -19.80 13.39
N GLY D 70 -8.93 -19.94 14.72
CA GLY D 70 -10.20 -20.23 15.37
C GLY D 70 -11.21 -19.12 15.16
N ALA D 71 -10.75 -17.86 15.22
CA ALA D 71 -11.63 -16.73 14.91
C ALA D 71 -11.98 -16.69 13.44
N PHE D 72 -11.00 -17.01 12.58
CA PHE D 72 -11.28 -17.16 11.16
C PHE D 72 -12.34 -18.23 10.91
N SER D 73 -12.18 -19.39 11.54
CA SER D 73 -13.18 -20.45 11.41
C SER D 73 -14.55 -19.96 11.84
N ASP D 74 -14.61 -19.23 12.97
CA ASP D 74 -15.87 -18.65 13.41
C ASP D 74 -16.41 -17.64 12.42
N GLY D 75 -15.52 -16.92 11.73
CA GLY D 75 -15.97 -16.04 10.67
C GLY D 75 -16.72 -16.77 9.58
N LEU D 76 -16.32 -18.01 9.30
CA LEU D 76 -16.99 -18.81 8.27
C LEU D 76 -18.41 -19.17 8.66
N ALA D 77 -18.75 -19.11 9.95
CA ALA D 77 -20.11 -19.35 10.42
C ALA D 77 -20.97 -18.10 10.41
N HIS D 78 -20.38 -16.93 10.11
CA HIS D 78 -21.10 -15.66 10.07
C HIS D 78 -20.63 -14.87 8.85
N LEU D 79 -20.59 -15.54 7.69
CA LEU D 79 -20.06 -14.88 6.50
C LEU D 79 -20.88 -13.66 6.10
N ASP D 80 -22.12 -13.57 6.54
CA ASP D 80 -22.98 -12.42 6.25
C ASP D 80 -22.97 -11.39 7.36
N ASN D 81 -22.22 -11.62 8.44
CA ASN D 81 -22.09 -10.64 9.52
C ASN D 81 -20.65 -10.66 10.06
N LEU D 82 -19.69 -10.36 9.18
CA LEU D 82 -18.29 -10.37 9.60
C LEU D 82 -17.92 -9.13 10.40
N LYS D 83 -18.47 -7.96 10.04
CA LYS D 83 -18.14 -6.76 10.78
C LYS D 83 -18.56 -6.87 12.24
N GLY D 84 -19.67 -7.56 12.51
CA GLY D 84 -20.13 -7.76 13.87
C GLY D 84 -19.35 -8.81 14.61
N THR D 85 -19.00 -9.90 13.91
CA THR D 85 -18.24 -10.97 14.56
C THR D 85 -16.87 -10.50 15.02
N PHE D 86 -16.24 -9.58 14.28
CA PHE D 86 -14.88 -9.15 14.56
C PHE D 86 -14.81 -7.75 15.16
N ALA D 87 -15.93 -7.22 15.65
CA ALA D 87 -15.94 -5.82 16.07
C ALA D 87 -15.01 -5.58 17.25
N THR D 88 -14.97 -6.52 18.21
CA THR D 88 -14.09 -6.36 19.36
C THR D 88 -12.64 -6.58 18.97
N LEU D 89 -12.37 -7.59 18.14
CA LEU D 89 -11.01 -7.80 17.67
C LEU D 89 -10.53 -6.60 16.85
N SER D 90 -11.43 -5.98 16.09
CA SER D 90 -11.06 -4.76 15.39
C SER D 90 -10.61 -3.69 16.38
N GLU D 91 -11.37 -3.51 17.48
CA GLU D 91 -10.96 -2.57 18.51
C GLU D 91 -9.58 -2.90 19.07
N LEU D 92 -9.33 -4.19 19.32
CA LEU D 92 -8.03 -4.59 19.86
C LEU D 92 -6.91 -4.29 18.88
N HIS D 93 -7.07 -4.70 17.62
CA HIS D 93 -6.00 -4.55 16.64
C HIS D 93 -5.81 -3.10 16.22
N CYS D 94 -6.88 -2.32 16.16
CA CYS D 94 -6.79 -0.95 15.68
C CYS D 94 -6.55 0.03 16.83
N ASP D 95 -7.34 -0.07 17.90
CA ASP D 95 -7.30 0.93 18.96
C ASP D 95 -6.20 0.68 19.99
N LYS D 96 -5.76 -0.58 20.17
CA LYS D 96 -4.75 -0.91 21.16
C LYS D 96 -3.42 -1.32 20.54
N LEU D 97 -3.44 -2.22 19.55
CA LEU D 97 -2.21 -2.71 18.96
C LEU D 97 -1.72 -1.87 17.81
N HIS D 98 -2.63 -1.18 17.11
CA HIS D 98 -2.28 -0.29 16.01
C HIS D 98 -1.55 -1.05 14.90
N VAL D 99 -2.11 -2.20 14.52
CA VAL D 99 -1.64 -2.94 13.36
C VAL D 99 -2.16 -2.25 12.11
N ASP D 100 -1.25 -1.82 11.24
CA ASP D 100 -1.67 -1.23 9.98
C ASP D 100 -2.53 -2.22 9.20
N PRO D 101 -3.65 -1.78 8.62
CA PRO D 101 -4.59 -2.73 8.00
C PRO D 101 -4.04 -3.48 6.80
N GLU D 102 -2.99 -2.98 6.14
CA GLU D 102 -2.41 -3.75 5.05
C GLU D 102 -1.91 -5.11 5.55
N ASN D 103 -1.52 -5.21 6.82
CA ASN D 103 -1.06 -6.48 7.38
C ASN D 103 -2.20 -7.51 7.45
N PHE D 104 -3.44 -7.05 7.65
CA PHE D 104 -4.58 -7.97 7.61
C PHE D 104 -4.69 -8.63 6.24
N ARG D 105 -4.52 -7.85 5.17
CA ARG D 105 -4.56 -8.41 3.82
C ARG D 105 -3.43 -9.41 3.61
N LEU D 106 -2.23 -9.09 4.09
CA LEU D 106 -1.10 -9.99 3.91
C LEU D 106 -1.36 -11.35 4.55
N LEU D 107 -1.94 -11.38 5.75
CA LEU D 107 -2.18 -12.64 6.45
C LEU D 107 -3.22 -13.51 5.71
N GLY D 108 -4.29 -12.89 5.21
CA GLY D 108 -5.23 -13.66 4.42
C GLY D 108 -4.58 -14.29 3.21
N ASN D 109 -3.70 -13.54 2.53
CA ASN D 109 -3.05 -14.07 1.35
C ASN D 109 -2.02 -15.13 1.70
N VAL D 110 -1.37 -15.01 2.85
CA VAL D 110 -0.50 -16.08 3.32
C VAL D 110 -1.29 -17.36 3.55
N LEU D 111 -2.46 -17.23 4.21
CA LEU D 111 -3.31 -18.39 4.43
C LEU D 111 -3.71 -19.04 3.11
N VAL D 112 -4.07 -18.22 2.11
CA VAL D 112 -4.39 -18.74 0.78
C VAL D 112 -3.20 -19.48 0.20
N CYS D 113 -1.99 -18.94 0.37
CA CYS D 113 -0.82 -19.64 -0.13
C CYS D 113 -0.64 -20.99 0.57
N VAL D 114 -0.90 -21.05 1.88
CA VAL D 114 -0.76 -22.31 2.61
C VAL D 114 -1.78 -23.33 2.11
N LEU D 115 -3.03 -22.89 1.93
CA LEU D 115 -4.05 -23.78 1.41
C LEU D 115 -3.65 -24.33 0.05
N ALA D 116 -3.10 -23.48 -0.82
CA ALA D 116 -2.64 -23.95 -2.12
C ALA D 116 -1.49 -24.95 -1.97
N HIS D 117 -0.58 -24.69 -1.04
CA HIS D 117 0.58 -25.57 -0.86
C HIS D 117 0.14 -27.01 -0.55
N HIS D 118 -0.79 -27.17 0.38
CA HIS D 118 -1.17 -28.50 0.84
C HIS D 118 -2.20 -29.17 -0.04
N PHE D 119 -2.97 -28.41 -0.81
CA PHE D 119 -4.06 -28.99 -1.59
C PHE D 119 -3.75 -29.15 -3.08
N GLY D 120 -2.70 -28.49 -3.59
CA GLY D 120 -2.35 -28.65 -5.00
C GLY D 120 -3.51 -28.34 -5.93
N LYS D 121 -3.68 -29.21 -6.94
CA LYS D 121 -4.73 -29.00 -7.95
C LYS D 121 -6.10 -28.76 -7.35
N GLU D 122 -6.39 -29.36 -6.18
CA GLU D 122 -7.72 -29.23 -5.60
C GLU D 122 -8.06 -27.78 -5.28
N PHE D 123 -7.06 -26.95 -4.99
CA PHE D 123 -7.25 -25.53 -4.75
C PHE D 123 -7.31 -24.81 -6.10
N THR D 124 -8.43 -24.99 -6.79
CA THR D 124 -8.57 -24.50 -8.17
C THR D 124 -8.78 -22.99 -8.20
N PRO D 125 -8.59 -22.36 -9.35
CA PRO D 125 -8.84 -20.92 -9.48
C PRO D 125 -10.20 -20.53 -8.93
N PRO D 126 -11.25 -21.28 -9.26
CA PRO D 126 -12.57 -20.93 -8.68
C PRO D 126 -12.63 -21.11 -7.17
N VAL D 127 -11.97 -22.13 -6.63
CA VAL D 127 -11.93 -22.31 -5.18
C VAL D 127 -11.15 -21.17 -4.54
N GLN D 128 -9.99 -20.83 -5.11
CA GLN D 128 -9.22 -19.70 -4.60
C GLN D 128 -10.05 -18.43 -4.61
N ALA D 129 -10.84 -18.23 -5.68
CA ALA D 129 -11.66 -17.03 -5.77
C ALA D 129 -12.63 -16.93 -4.60
N ALA D 130 -13.25 -18.05 -4.22
CA ALA D 130 -14.12 -18.03 -3.05
C ALA D 130 -13.33 -17.67 -1.79
N TYR D 131 -12.16 -18.29 -1.61
CA TYR D 131 -11.36 -17.98 -0.43
C TYR D 131 -10.84 -16.55 -0.44
N GLN D 132 -10.55 -15.98 -1.63
CA GLN D 132 -10.13 -14.58 -1.66
C GLN D 132 -11.25 -13.66 -1.18
N LYS D 133 -12.51 -14.01 -1.48
CA LYS D 133 -13.64 -13.25 -0.96
C LYS D 133 -13.68 -13.30 0.57
N VAL D 134 -13.43 -14.47 1.15
CA VAL D 134 -13.51 -14.62 2.60
C VAL D 134 -12.42 -13.79 3.28
N VAL D 135 -11.16 -13.98 2.87
CA VAL D 135 -10.07 -13.30 3.58
C VAL D 135 -10.15 -11.80 3.38
N ALA D 136 -10.71 -11.34 2.26
CA ALA D 136 -10.94 -9.92 2.10
C ALA D 136 -12.06 -9.45 3.03
N GLY D 137 -13.10 -10.25 3.17
CA GLY D 137 -14.13 -9.92 4.14
C GLY D 137 -13.59 -9.88 5.55
N VAL D 138 -12.76 -10.86 5.91
CA VAL D 138 -12.19 -10.89 7.25
C VAL D 138 -11.27 -9.69 7.46
N ALA D 139 -10.35 -9.45 6.51
CA ALA D 139 -9.43 -8.33 6.65
C ALA D 139 -10.19 -7.01 6.80
N ASN D 140 -11.29 -6.87 6.03
CA ASN D 140 -12.09 -5.65 6.09
C ASN D 140 -12.77 -5.48 7.44
N ALA D 141 -13.35 -6.56 7.98
CA ALA D 141 -14.03 -6.48 9.28
C ALA D 141 -13.05 -6.14 10.39
N LEU D 142 -11.83 -6.69 10.33
CA LEU D 142 -10.83 -6.34 11.32
C LEU D 142 -10.43 -4.87 11.22
N ALA D 143 -10.45 -4.32 10.01
CA ALA D 143 -10.12 -2.91 9.80
C ALA D 143 -11.31 -1.99 10.04
N HIS D 144 -12.47 -2.52 10.44
CA HIS D 144 -13.67 -1.70 10.52
C HIS D 144 -13.49 -0.56 11.50
N LYS D 145 -12.82 -0.79 12.62
CA LYS D 145 -12.56 0.29 13.55
C LYS D 145 -11.61 1.34 12.99
N TYR D 146 -11.04 1.11 11.81
CA TYR D 146 -10.30 2.15 11.12
C TYR D 146 -11.19 2.99 10.22
N HIS D 147 -12.27 2.41 9.70
CA HIS D 147 -13.12 3.10 8.74
C HIS D 147 -14.03 4.11 9.43
N VAL E 5 17.83 -42.34 8.20
CA VAL E 5 17.26 -43.16 7.14
C VAL E 5 16.42 -44.28 7.75
N GLN E 6 15.86 -44.01 8.92
CA GLN E 6 15.07 -45.00 9.66
C GLN E 6 13.67 -44.48 9.93
N LEU E 7 12.69 -45.38 9.81
CA LEU E 7 11.30 -45.10 10.17
C LEU E 7 10.90 -46.18 11.18
N GLN E 8 10.96 -45.85 12.46
CA GLN E 8 10.66 -46.80 13.52
C GLN E 8 9.23 -46.55 14.00
N GLU E 9 8.37 -47.55 13.82
CA GLU E 9 6.98 -47.48 14.26
C GLU E 9 6.83 -48.13 15.62
N SER E 10 6.00 -47.52 16.47
CA SER E 10 5.67 -48.09 17.76
C SER E 10 4.16 -47.98 17.97
N GLY E 11 3.70 -48.50 19.11
CA GLY E 11 2.28 -48.68 19.33
C GLY E 11 1.79 -49.96 18.70
N GLY E 12 0.51 -50.25 18.93
CA GLY E 12 -0.11 -51.40 18.33
C GLY E 12 0.29 -52.70 19.02
N GLY E 13 -0.46 -53.75 18.71
CA GLY E 13 -0.37 -55.01 19.43
C GLY E 13 -1.71 -55.71 19.42
N LEU E 14 -2.19 -56.12 20.58
CA LEU E 14 -3.48 -56.81 20.71
C LEU E 14 -4.42 -55.94 21.52
N VAL E 15 -5.68 -55.88 21.07
CA VAL E 15 -6.70 -55.05 21.70
C VAL E 15 -8.04 -55.76 21.59
N GLN E 16 -8.96 -55.42 22.50
CA GLN E 16 -10.25 -56.06 22.38
C GLN E 16 -11.17 -55.26 21.45
N PRO E 17 -12.12 -55.92 20.81
CA PRO E 17 -13.07 -55.20 19.96
C PRO E 17 -13.71 -54.03 20.70
N GLY E 18 -13.82 -52.89 20.01
CA GLY E 18 -14.26 -51.66 20.62
C GLY E 18 -13.15 -50.82 21.22
N GLY E 19 -11.97 -51.40 21.44
CA GLY E 19 -10.87 -50.69 22.06
C GLY E 19 -10.21 -49.67 21.14
N SER E 20 -9.21 -48.99 21.69
CA SER E 20 -8.50 -47.92 21.01
C SER E 20 -7.00 -48.17 21.11
N LEU E 21 -6.24 -47.46 20.29
CA LEU E 21 -4.78 -47.57 20.28
C LEU E 21 -4.16 -46.32 19.65
N ARG E 22 -2.94 -46.01 20.06
CA ARG E 22 -2.16 -44.93 19.49
C ARG E 22 -0.90 -45.50 18.87
N LEU E 23 -0.72 -45.28 17.57
CA LEU E 23 0.50 -45.65 16.88
C LEU E 23 1.41 -44.44 16.70
N SER E 24 2.71 -44.69 16.69
CA SER E 24 3.71 -43.66 16.45
C SER E 24 4.75 -44.15 15.46
N CYS E 25 5.35 -43.20 14.74
CA CYS E 25 6.38 -43.47 13.75
C CYS E 25 7.53 -42.49 13.98
N ALA E 26 8.66 -43.02 14.45
CA ALA E 26 9.85 -42.20 14.68
C ALA E 26 10.62 -42.05 13.37
N ALA E 27 10.87 -40.81 12.96
CA ALA E 27 11.53 -40.52 11.70
C ALA E 27 12.97 -40.08 11.95
N SER E 28 13.86 -40.48 11.03
CA SER E 28 15.26 -40.10 11.11
C SER E 28 15.86 -40.12 9.71
N GLY E 29 16.86 -39.28 9.50
CA GLY E 29 17.60 -39.24 8.26
C GLY E 29 17.07 -38.29 7.21
N PHE E 30 16.00 -37.56 7.49
CA PHE E 30 15.51 -36.54 6.59
C PHE E 30 14.99 -35.35 7.38
N ILE E 31 14.85 -34.23 6.68
CA ILE E 31 14.25 -33.03 7.28
C ILE E 31 12.76 -33.29 7.45
N PHE E 32 12.37 -33.75 8.64
CA PHE E 32 11.00 -34.20 8.87
C PHE E 32 9.97 -33.17 8.41
N SER E 33 10.27 -31.88 8.59
CA SER E 33 9.31 -30.83 8.27
C SER E 33 8.93 -30.81 6.78
N THR E 34 9.61 -31.58 5.94
CA THR E 34 9.38 -31.54 4.49
C THR E 34 8.74 -32.81 3.96
N TYR E 35 8.39 -33.76 4.82
CA TYR E 35 7.85 -35.04 4.39
C TYR E 35 6.38 -35.16 4.77
N SER E 36 5.57 -35.67 3.84
CA SER E 36 4.21 -36.09 4.14
C SER E 36 4.25 -37.45 4.82
N MET E 37 3.63 -37.56 5.99
CA MET E 37 3.64 -38.80 6.75
C MET E 37 2.30 -39.50 6.58
N GLY E 38 2.36 -40.79 6.24
CA GLY E 38 1.17 -41.56 6.01
C GLY E 38 1.26 -42.92 6.66
N TRP E 39 0.10 -43.56 6.80
CA TRP E 39 -0.01 -44.88 7.41
C TRP E 39 -0.73 -45.81 6.44
N PHE E 40 -0.09 -46.94 6.14
CA PHE E 40 -0.67 -48.00 5.34
C PHE E 40 -0.82 -49.26 6.19
N ARG E 41 -1.58 -50.22 5.67
CA ARG E 41 -1.75 -51.51 6.33
C ARG E 41 -2.07 -52.57 5.29
N GLN E 42 -1.72 -53.80 5.61
CA GLN E 42 -2.02 -54.94 4.75
C GLN E 42 -2.45 -56.10 5.64
N ALA E 43 -3.66 -56.61 5.41
CA ALA E 43 -4.12 -57.75 6.17
C ALA E 43 -3.61 -59.05 5.56
N PRO E 44 -3.44 -60.09 6.37
CA PRO E 44 -2.93 -61.36 5.84
C PRO E 44 -3.78 -61.85 4.67
N GLY E 45 -3.11 -62.17 3.57
CA GLY E 45 -3.80 -62.60 2.37
C GLY E 45 -4.39 -61.45 1.57
N LYS E 46 -4.36 -60.23 2.11
CA LYS E 46 -4.99 -59.05 1.55
C LYS E 46 -3.90 -58.14 0.98
N GLU E 47 -4.30 -57.19 0.14
CA GLU E 47 -3.32 -56.29 -0.47
C GLU E 47 -2.99 -55.11 0.46
N ARG E 48 -1.88 -54.43 0.18
CA ARG E 48 -1.52 -53.24 0.94
C ARG E 48 -2.48 -52.09 0.62
N GLU E 49 -2.80 -51.30 1.63
CA GLU E 49 -4.16 -50.73 1.68
C GLU E 49 -4.19 -49.52 2.61
N PHE E 50 -4.53 -48.34 2.05
CA PHE E 50 -4.38 -47.04 2.71
C PHE E 50 -5.36 -46.84 3.88
N VAL E 51 -4.87 -46.20 4.95
CA VAL E 51 -5.70 -45.93 6.12
C VAL E 51 -5.86 -44.43 6.38
N ALA E 52 -4.76 -43.71 6.57
CA ALA E 52 -4.86 -42.30 6.90
C ALA E 52 -3.52 -41.63 6.75
N ALA E 53 -3.56 -40.35 6.38
CA ALA E 53 -2.37 -39.54 6.21
C ALA E 53 -2.72 -38.09 6.45
N SER E 54 -1.70 -37.28 6.60
CA SER E 54 -1.86 -35.84 6.78
C SER E 54 -0.86 -35.12 5.90
N THR E 55 -1.20 -33.90 5.54
CA THR E 55 -0.19 -33.09 4.89
C THR E 55 0.92 -32.83 5.90
N TRP E 56 2.10 -32.48 5.41
CA TRP E 56 3.22 -32.22 6.29
C TRP E 56 2.77 -31.29 7.41
N GLY E 57 3.13 -31.64 8.64
CA GLY E 57 2.73 -30.86 9.81
C GLY E 57 1.31 -31.07 10.28
N GLY E 58 0.50 -31.84 9.56
CA GLY E 58 -0.88 -32.05 9.99
C GLY E 58 -1.83 -30.92 9.71
N VAL E 59 -1.54 -30.07 8.74
CA VAL E 59 -2.36 -28.88 8.51
C VAL E 59 -3.75 -29.28 8.01
N THR E 60 -3.82 -30.27 7.13
CA THR E 60 -5.08 -30.75 6.60
C THR E 60 -5.14 -32.26 6.76
N THR E 61 -6.35 -32.80 6.83
CA THR E 61 -6.54 -34.21 7.11
C THR E 61 -7.33 -34.87 5.99
N ASN E 62 -7.03 -36.15 5.76
CA ASN E 62 -7.75 -36.94 4.77
C ASN E 62 -7.60 -38.40 5.16
N TYR E 63 -8.69 -39.03 5.58
CA TYR E 63 -8.68 -40.42 5.99
C TYR E 63 -9.61 -41.20 5.07
N ALA E 64 -9.23 -42.45 4.78
CA ALA E 64 -10.16 -43.36 4.14
C ALA E 64 -11.48 -43.37 4.91
N ASP E 65 -12.59 -43.39 4.16
CA ASP E 65 -13.90 -43.24 4.79
C ASP E 65 -14.18 -44.32 5.82
N SER E 66 -13.59 -45.51 5.65
CA SER E 66 -13.80 -46.58 6.63
C SER E 66 -13.14 -46.27 7.98
N VAL E 67 -12.20 -45.34 8.02
CA VAL E 67 -11.51 -44.98 9.25
C VAL E 67 -11.83 -43.57 9.72
N LYS E 68 -12.54 -42.77 8.92
CA LYS E 68 -12.82 -41.39 9.29
C LYS E 68 -13.70 -41.32 10.53
N GLY E 69 -13.44 -40.34 11.38
CA GLY E 69 -14.09 -40.25 12.68
C GLY E 69 -13.55 -41.28 13.65
N ARG E 70 -12.88 -42.28 13.11
CA ARG E 70 -12.38 -43.42 13.87
C ARG E 70 -10.89 -43.29 14.19
N PHE E 71 -10.07 -42.92 13.20
CA PHE E 71 -8.66 -42.63 13.39
C PHE E 71 -8.41 -41.14 13.24
N THR E 72 -7.44 -40.63 14.01
CA THR E 72 -7.06 -39.22 13.97
C THR E 72 -5.56 -39.08 14.01
N ILE E 73 -5.06 -38.13 13.23
CA ILE E 73 -3.62 -37.98 13.06
C ILE E 73 -3.01 -36.92 13.96
N SER E 74 -1.69 -36.82 13.82
CA SER E 74 -0.80 -36.20 14.79
C SER E 74 -0.02 -35.05 14.17
N THR E 75 0.53 -34.20 15.02
CA THR E 75 1.86 -33.74 14.70
C THR E 75 2.67 -33.42 15.96
N ASP E 76 3.94 -33.84 15.90
CA ASP E 76 4.96 -33.52 16.90
C ASP E 76 6.19 -33.13 16.09
N ASN E 77 6.23 -31.88 15.67
CA ASN E 77 7.29 -31.44 14.77
C ASN E 77 8.64 -31.38 15.45
N ALA E 78 8.67 -31.17 16.78
CA ALA E 78 9.94 -31.10 17.49
C ALA E 78 10.61 -32.47 17.61
N LYS E 79 9.82 -33.53 17.68
CA LYS E 79 10.34 -34.88 17.85
C LYS E 79 10.42 -35.66 16.54
N ASN E 80 10.08 -35.04 15.42
CA ASN E 80 10.09 -35.71 14.12
C ASN E 80 9.27 -36.99 14.17
N THR E 81 8.14 -36.95 14.87
CA THR E 81 7.29 -38.13 15.04
C THR E 81 5.83 -37.75 14.82
N VAL E 82 5.11 -38.63 14.14
CA VAL E 82 3.67 -38.49 13.90
C VAL E 82 2.97 -39.68 14.55
N TYR E 83 1.77 -39.45 15.02
CA TYR E 83 0.99 -40.44 15.77
C TYR E 83 -0.37 -40.62 15.11
N LEU E 84 -0.92 -41.82 15.23
CA LEU E 84 -2.22 -42.16 14.68
C LEU E 84 -3.09 -42.70 15.80
N GLN E 85 -4.08 -41.90 16.23
CA GLN E 85 -5.01 -42.34 17.26
C GLN E 85 -6.15 -43.12 16.63
N MET E 86 -6.27 -44.40 17.01
CA MET E 86 -7.29 -45.32 16.49
C MET E 86 -8.33 -45.59 17.56
N ASN E 87 -9.58 -45.23 17.29
CA ASN E 87 -10.69 -45.49 18.19
C ASN E 87 -11.67 -46.45 17.54
N SER E 88 -12.52 -47.07 18.36
CA SER E 88 -13.58 -47.96 17.89
C SER E 88 -13.03 -49.01 16.92
N LEU E 89 -11.91 -49.63 17.31
CA LEU E 89 -11.32 -50.67 16.48
C LEU E 89 -12.23 -51.89 16.47
N ASN E 90 -12.32 -52.56 15.32
CA ASN E 90 -13.09 -53.78 15.23
C ASN E 90 -12.20 -54.89 14.69
N SER E 91 -12.43 -56.11 15.18
CA SER E 91 -11.66 -57.25 14.68
C SER E 91 -11.98 -57.40 13.20
N GLY E 92 -11.56 -56.41 12.43
CA GLY E 92 -11.65 -56.33 10.99
C GLY E 92 -10.58 -55.33 10.62
N ASP E 93 -9.95 -54.80 11.68
CA ASP E 93 -8.84 -53.87 11.61
C ASP E 93 -7.49 -54.57 11.67
N THR E 94 -7.46 -55.87 11.95
CA THR E 94 -6.21 -56.60 12.03
C THR E 94 -5.42 -56.49 10.73
N ALA E 95 -4.17 -56.09 10.85
CA ALA E 95 -3.26 -55.96 9.71
C ALA E 95 -1.94 -55.45 10.25
N VAL E 96 -0.92 -55.51 9.40
CA VAL E 96 0.34 -54.81 9.65
C VAL E 96 0.18 -53.38 9.18
N TYR E 97 0.45 -52.42 10.08
CA TYR E 97 0.31 -51.00 9.77
C TYR E 97 1.69 -50.44 9.47
N TYR E 98 1.85 -49.87 8.28
CA TYR E 98 3.14 -49.42 7.79
C TYR E 98 3.20 -47.90 7.82
N CYS E 99 4.30 -47.36 8.33
CA CYS E 99 4.58 -45.93 8.22
C CYS E 99 5.28 -45.68 6.89
N ALA E 100 4.91 -44.59 6.23
CA ALA E 100 5.48 -44.27 4.93
C ALA E 100 5.66 -42.77 4.82
N ALA E 101 6.67 -42.37 4.05
CA ALA E 101 7.03 -40.98 3.91
C ALA E 101 7.28 -40.65 2.45
N ALA E 102 6.76 -39.50 2.03
CA ALA E 102 6.95 -38.99 0.68
C ALA E 102 7.17 -37.50 0.80
N ARG E 103 8.23 -37.00 0.18
CA ARG E 103 8.57 -35.59 0.32
C ARG E 103 7.52 -34.74 -0.41
N PHE E 104 6.83 -33.89 0.35
CA PHE E 104 5.88 -32.92 -0.20
C PHE E 104 4.77 -33.60 -1.02
N LEU E 105 4.09 -34.56 -0.39
CA LEU E 105 2.95 -35.22 -1.00
C LEU E 105 1.69 -34.46 -0.62
N GLN E 106 0.96 -33.97 -1.61
CA GLN E 106 -0.18 -33.11 -1.34
C GLN E 106 -1.43 -33.92 -1.03
N ASN E 107 -2.42 -33.22 -0.49
CA ASN E 107 -3.62 -33.85 0.04
C ASN E 107 -4.37 -34.61 -1.06
N ALA E 108 -5.32 -35.44 -0.65
CA ALA E 108 -6.09 -36.26 -1.58
C ALA E 108 -5.20 -37.24 -2.35
N ARG E 109 -3.99 -36.81 -2.69
CA ARG E 109 -3.02 -37.68 -3.36
C ARG E 109 -2.30 -38.61 -2.41
N LEU E 110 -2.51 -38.45 -1.10
CA LEU E 110 -1.87 -39.33 -0.13
C LEU E 110 -2.32 -40.77 -0.34
N THR E 111 -3.57 -40.96 -0.75
CA THR E 111 -4.08 -42.31 -0.97
C THR E 111 -3.43 -42.98 -2.17
N THR E 112 -3.09 -42.20 -3.20
CA THR E 112 -2.48 -42.71 -4.42
C THR E 112 -1.22 -41.91 -4.73
N GLY E 113 -0.24 -41.99 -3.84
CA GLY E 113 0.98 -41.24 -4.01
C GLY E 113 2.22 -42.06 -3.76
N PRO E 114 3.16 -42.05 -4.71
CA PRO E 114 4.40 -42.79 -4.52
C PRO E 114 5.13 -42.33 -3.25
N TYR E 115 5.48 -43.29 -2.41
CA TYR E 115 6.23 -43.02 -1.19
C TYR E 115 7.70 -43.38 -1.36
N ASP E 116 8.56 -42.65 -0.64
CA ASP E 116 9.99 -42.85 -0.73
C ASP E 116 10.51 -43.86 0.29
N TYR E 117 9.95 -43.88 1.50
CA TYR E 117 10.51 -44.67 2.59
C TYR E 117 9.41 -45.41 3.33
N TRP E 118 9.72 -46.67 3.69
CA TRP E 118 8.79 -47.58 4.33
C TRP E 118 9.45 -48.26 5.53
N GLY E 119 8.70 -48.36 6.62
CA GLY E 119 9.13 -49.12 7.77
C GLY E 119 8.74 -50.59 7.74
N GLN E 120 9.08 -51.25 8.85
CA GLN E 120 8.67 -52.61 9.19
C GLN E 120 7.17 -52.76 9.33
N GLY E 121 6.48 -51.70 9.70
CA GLY E 121 5.09 -51.97 10.03
C GLY E 121 4.98 -52.58 11.42
N THR E 122 3.86 -52.35 12.07
CA THR E 122 3.68 -52.84 13.42
C THR E 122 2.35 -53.57 13.52
N GLN E 123 2.37 -54.76 14.13
CA GLN E 123 1.20 -55.61 14.16
C GLN E 123 0.14 -55.00 15.06
N VAL E 124 -1.08 -54.87 14.53
CA VAL E 124 -2.25 -54.52 15.31
C VAL E 124 -3.28 -55.61 15.02
N THR E 125 -3.62 -56.39 16.04
CA THR E 125 -4.52 -57.52 15.89
C THR E 125 -5.65 -57.35 16.87
N VAL E 126 -6.86 -57.18 16.36
CA VAL E 126 -8.07 -57.06 17.18
C VAL E 126 -8.84 -58.37 17.05
N SER E 127 -9.11 -59.02 18.17
CA SER E 127 -9.89 -60.25 18.19
C SER E 127 -10.36 -60.49 19.62
N SER E 128 -11.40 -61.33 19.75
CA SER E 128 -11.92 -61.71 21.06
C SER E 128 -11.50 -63.12 21.43
N GLY E 129 -10.20 -63.39 21.40
CA GLY E 129 -9.69 -64.73 21.68
C GLY E 129 -8.27 -64.93 21.22
N ALA F 3 11.35 42.02 -24.06
CA ALA F 3 12.46 41.99 -23.12
C ALA F 3 12.03 42.50 -21.74
N GLN F 4 11.71 43.79 -21.67
CA GLN F 4 11.34 44.40 -20.40
C GLN F 4 10.11 43.74 -19.80
N VAL F 5 10.09 43.65 -18.48
CA VAL F 5 8.91 43.19 -17.76
C VAL F 5 7.95 44.36 -17.61
N GLN F 6 6.69 44.12 -17.94
CA GLN F 6 5.66 45.15 -17.82
C GLN F 6 4.50 44.64 -16.96
N LEU F 7 4.01 45.52 -16.09
CA LEU F 7 2.80 45.32 -15.30
C LEU F 7 1.93 46.53 -15.60
N GLN F 8 0.93 46.37 -16.46
CA GLN F 8 0.09 47.49 -16.88
C GLN F 8 -1.24 47.46 -16.14
N GLU F 9 -1.51 48.52 -15.38
CA GLU F 9 -2.80 48.64 -14.69
C GLU F 9 -3.77 49.41 -15.55
N SER F 10 -5.00 48.93 -15.62
CA SER F 10 -6.09 49.63 -16.27
C SER F 10 -7.35 49.50 -15.44
N GLY F 11 -8.42 50.14 -15.89
CA GLY F 11 -9.60 50.27 -15.06
C GLY F 11 -9.42 51.46 -14.14
N GLY F 12 -10.44 51.72 -13.36
CA GLY F 12 -10.33 52.81 -12.41
C GLY F 12 -10.49 54.18 -13.06
N GLY F 13 -10.67 55.16 -12.19
CA GLY F 13 -11.16 56.46 -12.58
C GLY F 13 -11.89 57.05 -11.39
N LEU F 14 -13.13 57.49 -11.60
CA LEU F 14 -13.95 58.13 -10.58
C LEU F 14 -15.18 57.30 -10.25
N VAL F 15 -15.56 57.28 -8.98
CA VAL F 15 -16.73 56.54 -8.52
C VAL F 15 -17.38 57.30 -7.36
N GLN F 16 -18.67 57.08 -7.17
CA GLN F 16 -19.32 57.65 -6.01
C GLN F 16 -19.20 56.69 -4.83
N PRO F 17 -19.25 57.20 -3.60
CA PRO F 17 -19.23 56.31 -2.44
C PRO F 17 -20.32 55.25 -2.56
N GLY F 18 -19.97 54.02 -2.19
CA GLY F 18 -20.84 52.89 -2.39
C GLY F 18 -20.68 52.22 -3.74
N GLY F 19 -20.06 52.90 -4.70
CA GLY F 19 -19.90 52.35 -6.03
C GLY F 19 -18.84 51.26 -6.10
N SER F 20 -18.66 50.74 -7.32
CA SER F 20 -17.75 49.63 -7.58
C SER F 20 -16.84 50.00 -8.74
N LEU F 21 -15.72 49.26 -8.82
CA LEU F 21 -14.74 49.46 -9.89
C LEU F 21 -13.94 48.20 -10.03
N ARG F 22 -13.53 47.88 -11.26
CA ARG F 22 -12.72 46.71 -11.54
C ARG F 22 -11.39 47.15 -12.11
N LEU F 23 -10.32 46.79 -11.43
CA LEU F 23 -8.97 47.01 -11.93
C LEU F 23 -8.44 45.74 -12.58
N SER F 24 -7.57 45.91 -13.55
CA SER F 24 -6.89 44.79 -14.16
C SER F 24 -5.42 45.11 -14.27
N CYS F 25 -4.60 44.07 -14.22
CA CYS F 25 -3.16 44.22 -14.36
C CYS F 25 -2.68 43.18 -15.36
N ALA F 26 -2.29 43.63 -16.55
CA ALA F 26 -1.76 42.75 -17.58
C ALA F 26 -0.25 42.58 -17.39
N ALA F 27 0.21 41.35 -17.24
CA ALA F 27 1.60 41.06 -16.99
C ALA F 27 2.26 40.48 -18.24
N SER F 28 3.54 40.84 -18.44
CA SER F 28 4.34 40.32 -19.54
C SER F 28 5.81 40.38 -19.15
N GLY F 29 6.60 39.49 -19.75
CA GLY F 29 8.03 39.46 -19.52
C GLY F 29 8.53 38.50 -18.46
N PHE F 30 7.64 37.73 -17.83
CA PHE F 30 8.05 36.67 -16.92
C PHE F 30 7.10 35.48 -17.09
N ILE F 31 7.50 34.32 -16.57
CA ILE F 31 6.62 33.15 -16.58
C ILE F 31 5.50 33.37 -15.58
N PHE F 32 4.36 33.86 -16.07
CA PHE F 32 3.26 34.29 -15.21
C PHE F 32 2.87 33.24 -14.18
N SER F 33 2.91 31.97 -14.58
CA SER F 33 2.48 30.89 -13.69
C SER F 33 3.31 30.79 -12.41
N THR F 34 4.43 31.50 -12.31
CA THR F 34 5.31 31.39 -11.17
C THR F 34 5.36 32.66 -10.32
N TYR F 35 4.55 33.67 -10.63
CA TYR F 35 4.57 34.93 -9.90
C TYR F 35 3.30 35.10 -9.09
N SER F 36 3.46 35.49 -7.83
CA SER F 36 2.35 35.96 -7.03
C SER F 36 2.04 37.40 -7.41
N MET F 37 0.77 37.69 -7.68
CA MET F 37 0.35 39.03 -8.10
C MET F 37 -0.34 39.74 -6.95
N GLY F 38 0.02 41.00 -6.73
CA GLY F 38 -0.50 41.75 -5.62
C GLY F 38 -0.95 43.15 -6.02
N TRP F 39 -1.75 43.75 -5.14
CA TRP F 39 -2.26 45.10 -5.28
C TRP F 39 -1.91 45.89 -4.02
N PHE F 40 -1.24 47.02 -4.21
CA PHE F 40 -0.96 47.99 -3.16
C PHE F 40 -1.62 49.32 -3.53
N ARG F 41 -1.66 50.25 -2.59
CA ARG F 41 -2.18 51.57 -2.92
C ARG F 41 -1.47 52.60 -2.07
N GLN F 42 -1.40 53.82 -2.59
CA GLN F 42 -0.75 54.91 -1.88
C GLN F 42 -1.54 56.19 -2.08
N ALA F 43 -1.97 56.78 -1.01
CA ALA F 43 -2.64 58.07 -0.96
C ALA F 43 -1.61 59.18 -0.85
N PRO F 44 -1.93 60.36 -1.35
CA PRO F 44 -0.95 61.47 -1.31
C PRO F 44 -0.49 61.72 0.13
N GLY F 45 0.83 61.82 0.29
CA GLY F 45 1.44 62.07 1.58
C GLY F 45 1.54 60.87 2.50
N LYS F 46 0.95 59.74 2.15
CA LYS F 46 0.85 58.58 3.03
C LYS F 46 1.73 57.45 2.55
N GLU F 47 1.90 56.46 3.44
CA GLU F 47 2.71 55.31 3.11
C GLU F 47 1.93 54.37 2.21
N ARG F 48 2.67 53.61 1.41
CA ARG F 48 2.06 52.59 0.57
C ARG F 48 1.60 51.44 1.44
N GLU F 49 0.52 50.78 1.04
CA GLU F 49 -0.15 49.86 1.96
C GLU F 49 -0.81 48.74 1.19
N PHE F 50 -0.73 47.54 1.76
CA PHE F 50 -1.21 46.33 1.11
C PHE F 50 -2.71 46.39 0.93
N VAL F 51 -3.19 45.87 -0.20
CA VAL F 51 -4.62 45.80 -0.44
C VAL F 51 -5.04 44.33 -0.55
N ALA F 52 -4.47 43.61 -1.52
CA ALA F 52 -4.87 42.22 -1.74
C ALA F 52 -3.86 41.58 -2.67
N ALA F 53 -3.69 40.27 -2.53
CA ALA F 53 -2.75 39.55 -3.38
C ALA F 53 -3.14 38.08 -3.43
N SER F 54 -2.55 37.35 -4.39
CA SER F 54 -2.73 35.91 -4.51
C SER F 54 -1.38 35.26 -4.78
N THR F 55 -1.24 33.99 -4.37
CA THR F 55 -0.04 33.24 -4.74
C THR F 55 -0.06 32.87 -6.23
N TRP F 56 1.10 32.45 -6.71
CA TRP F 56 1.26 32.13 -8.13
C TRP F 56 0.12 31.27 -8.64
N GLY F 57 -0.38 31.63 -9.81
CA GLY F 57 -1.52 30.94 -10.40
C GLY F 57 -2.86 31.32 -9.82
N GLY F 58 -2.87 32.15 -8.77
CA GLY F 58 -4.11 32.51 -8.12
C GLY F 58 -4.66 31.45 -7.20
N VAL F 59 -3.80 30.54 -6.72
CA VAL F 59 -4.27 29.40 -5.94
C VAL F 59 -4.78 29.82 -4.57
N THR F 60 -4.09 30.75 -3.90
CA THR F 60 -4.53 31.24 -2.61
C THR F 60 -4.53 32.77 -2.61
N THR F 61 -5.33 33.33 -1.72
CA THR F 61 -5.59 34.76 -1.65
C THR F 61 -5.25 35.31 -0.26
N ASN F 62 -5.05 36.62 -0.22
CA ASN F 62 -4.73 37.31 1.02
C ASN F 62 -5.27 38.73 0.91
N TYR F 63 -6.25 39.07 1.76
CA TYR F 63 -6.88 40.39 1.74
C TYR F 63 -6.57 41.16 3.00
N ALA F 64 -6.27 42.46 2.85
CA ALA F 64 -6.29 43.35 4.00
C ALA F 64 -7.66 43.25 4.66
N ASP F 65 -7.68 43.31 6.00
CA ASP F 65 -8.94 43.12 6.71
C ASP F 65 -9.97 44.17 6.33
N SER F 66 -9.50 45.37 5.95
CA SER F 66 -10.39 46.46 5.57
C SER F 66 -11.08 46.22 4.23
N VAL F 67 -10.58 45.31 3.41
CA VAL F 67 -11.17 45.04 2.09
C VAL F 67 -11.74 43.65 1.97
N LYS F 68 -11.52 42.75 2.93
CA LYS F 68 -11.98 41.38 2.79
C LYS F 68 -13.51 41.33 2.73
N GLY F 69 -14.03 40.45 1.87
CA GLY F 69 -15.45 40.37 1.59
C GLY F 69 -15.96 41.50 0.72
N ARG F 70 -15.19 42.58 0.63
CA ARG F 70 -15.53 43.82 -0.06
C ARG F 70 -14.88 43.91 -1.44
N PHE F 71 -13.61 43.53 -1.53
CA PHE F 71 -12.86 43.41 -2.76
C PHE F 71 -12.65 41.94 -3.07
N THR F 72 -12.57 41.60 -4.35
CA THR F 72 -12.30 40.22 -4.75
C THR F 72 -11.20 40.21 -5.79
N ILE F 73 -10.19 39.38 -5.56
CA ILE F 73 -9.09 39.26 -6.50
C ILE F 73 -9.32 37.99 -7.32
N SER F 74 -8.88 38.01 -8.58
CA SER F 74 -9.04 36.87 -9.47
C SER F 74 -7.88 36.88 -10.45
N THR F 75 -7.64 35.73 -11.07
CA THR F 75 -6.61 35.63 -12.11
C THR F 75 -7.16 34.89 -13.31
N ASP F 76 -6.59 35.23 -14.46
CA ASP F 76 -6.88 34.60 -15.75
C ASP F 76 -5.52 34.17 -16.28
N ASN F 77 -5.16 32.92 -16.00
CA ASN F 77 -3.83 32.45 -16.35
C ASN F 77 -3.64 32.42 -17.86
N ALA F 78 -4.72 32.30 -18.64
CA ALA F 78 -4.57 32.31 -20.08
C ALA F 78 -4.20 33.71 -20.59
N LYS F 79 -4.64 34.76 -19.90
CA LYS F 79 -4.37 36.13 -20.32
C LYS F 79 -3.23 36.78 -19.54
N ASN F 80 -2.60 36.05 -18.62
CA ASN F 80 -1.52 36.60 -17.79
C ASN F 80 -1.95 37.91 -17.15
N THR F 81 -3.19 37.93 -16.66
CA THR F 81 -3.84 39.10 -16.13
C THR F 81 -4.49 38.76 -14.79
N VAL F 82 -4.41 39.70 -13.85
CA VAL F 82 -5.07 39.59 -12.55
C VAL F 82 -6.06 40.72 -12.44
N TYR F 83 -7.17 40.48 -11.73
CA TYR F 83 -8.24 41.46 -11.59
C TYR F 83 -8.54 41.71 -10.12
N LEU F 84 -8.91 42.95 -9.82
CA LEU F 84 -9.34 43.33 -8.47
C LEU F 84 -10.69 44.02 -8.60
N GLN F 85 -11.75 43.31 -8.19
CA GLN F 85 -13.09 43.87 -8.16
C GLN F 85 -13.30 44.58 -6.83
N MET F 86 -13.53 45.89 -6.88
CA MET F 86 -13.71 46.70 -5.69
C MET F 86 -15.17 47.11 -5.56
N ASN F 87 -15.81 46.68 -4.48
CA ASN F 87 -17.19 47.01 -4.17
C ASN F 87 -17.25 47.83 -2.89
N SER F 88 -18.38 48.50 -2.69
CA SER F 88 -18.64 49.31 -1.49
C SER F 88 -17.51 50.31 -1.23
N LEU F 89 -17.10 51.03 -2.28
CA LEU F 89 -15.99 51.96 -2.15
C LEU F 89 -16.35 53.13 -1.24
N ASN F 90 -15.37 53.58 -0.45
CA ASN F 90 -15.55 54.70 0.47
C ASN F 90 -14.45 55.74 0.24
N SER F 91 -14.64 56.94 0.81
CA SER F 91 -13.68 58.01 0.62
C SER F 91 -12.27 57.62 1.03
N GLY F 92 -12.13 56.70 1.98
CA GLY F 92 -10.79 56.26 2.32
C GLY F 92 -10.12 55.37 1.28
N ASP F 93 -10.81 55.02 0.19
CA ASP F 93 -10.25 54.17 -0.85
C ASP F 93 -9.56 54.94 -1.96
N THR F 94 -9.71 56.27 -2.01
CA THR F 94 -9.06 57.08 -3.01
C THR F 94 -7.54 56.94 -2.89
N ALA F 95 -6.87 56.60 -4.00
CA ALA F 95 -5.43 56.41 -3.97
C ALA F 95 -4.94 56.02 -5.36
N VAL F 96 -3.62 56.00 -5.51
CA VAL F 96 -2.98 55.32 -6.62
C VAL F 96 -2.83 53.84 -6.29
N TYR F 97 -3.34 52.97 -7.16
CA TYR F 97 -3.32 51.52 -6.96
C TYR F 97 -2.22 50.90 -7.82
N TYR F 98 -1.33 50.16 -7.19
CA TYR F 98 -0.16 49.58 -7.85
C TYR F 98 -0.34 48.08 -8.00
N CYS F 99 -0.06 47.57 -9.20
CA CYS F 99 0.09 46.14 -9.42
C CYS F 99 1.52 45.73 -9.14
N ALA F 100 1.71 44.54 -8.54
CA ALA F 100 3.05 44.09 -8.18
C ALA F 100 3.16 42.58 -8.35
N ALA F 101 4.36 42.11 -8.64
CA ALA F 101 4.62 40.71 -8.95
C ALA F 101 5.83 40.23 -8.17
N ALA F 102 5.73 39.03 -7.59
CA ALA F 102 6.80 38.43 -6.81
C ALA F 102 6.92 36.94 -7.12
N ARG F 103 8.12 36.50 -7.49
CA ARG F 103 8.32 35.11 -7.91
C ARG F 103 8.24 34.17 -6.70
N PHE F 104 7.26 33.26 -6.73
CA PHE F 104 7.08 32.19 -5.73
C PHE F 104 7.01 32.76 -4.31
N LEU F 105 6.18 33.78 -4.14
CA LEU F 105 5.97 34.40 -2.83
C LEU F 105 4.76 33.77 -2.16
N GLN F 106 4.96 33.22 -0.97
CA GLN F 106 3.89 32.48 -0.32
C GLN F 106 2.93 33.43 0.40
N ASN F 107 1.78 32.87 0.78
CA ASN F 107 0.60 33.67 1.13
C ASN F 107 0.87 34.67 2.25
N ALA F 108 1.43 34.22 3.37
CA ALA F 108 1.59 35.14 4.50
C ALA F 108 2.53 36.28 4.16
N ARG F 109 3.53 36.03 3.33
CA ARG F 109 4.50 37.06 2.97
C ARG F 109 3.99 38.01 1.89
N LEU F 110 2.79 37.79 1.36
CA LEU F 110 2.28 38.69 0.32
C LEU F 110 2.13 40.12 0.83
N THR F 111 1.77 40.30 2.11
CA THR F 111 1.55 41.66 2.61
C THR F 111 2.85 42.45 2.75
N THR F 112 3.98 41.76 2.95
CA THR F 112 5.26 42.43 3.14
C THR F 112 6.31 41.92 2.17
N GLY F 113 6.41 40.60 2.04
CA GLY F 113 7.35 39.92 1.19
C GLY F 113 7.83 40.77 0.03
N PRO F 114 9.14 40.83 -0.17
CA PRO F 114 9.67 41.65 -1.26
C PRO F 114 9.06 41.25 -2.60
N TYR F 115 8.63 42.26 -3.35
CA TYR F 115 8.12 42.04 -4.70
C TYR F 115 9.22 42.35 -5.71
N ASP F 116 9.17 41.66 -6.85
CA ASP F 116 10.20 41.79 -7.88
C ASP F 116 9.91 42.90 -8.89
N TYR F 117 8.64 43.12 -9.22
CA TYR F 117 8.25 44.02 -10.29
C TYR F 117 7.07 44.86 -9.80
N TRP F 118 7.06 46.13 -10.18
CA TRP F 118 6.04 47.06 -9.76
C TRP F 118 5.50 47.77 -10.99
N GLY F 119 4.18 47.94 -11.06
CA GLY F 119 3.59 48.72 -12.11
C GLY F 119 3.62 50.20 -11.77
N GLN F 120 3.12 51.00 -12.71
CA GLN F 120 3.11 52.45 -12.57
C GLN F 120 2.05 52.95 -11.59
N GLY F 121 1.00 52.17 -11.35
CA GLY F 121 -0.14 52.60 -10.58
C GLY F 121 -1.15 53.39 -11.39
N THR F 122 -2.43 53.28 -11.00
CA THR F 122 -3.51 53.97 -11.67
C THR F 122 -4.41 54.64 -10.65
N GLN F 123 -4.81 55.88 -10.93
CA GLN F 123 -5.57 56.68 -9.97
C GLN F 123 -6.97 56.12 -9.80
N VAL F 124 -7.41 56.01 -8.54
CA VAL F 124 -8.79 55.70 -8.19
C VAL F 124 -9.28 56.79 -7.24
N THR F 125 -10.35 57.46 -7.61
CA THR F 125 -10.85 58.60 -6.84
C THR F 125 -12.30 58.36 -6.44
N VAL F 126 -12.54 58.26 -5.13
CA VAL F 126 -13.88 58.11 -4.55
C VAL F 126 -14.22 59.43 -3.89
N SER F 127 -15.34 60.03 -4.28
CA SER F 127 -15.70 61.28 -3.63
C SER F 127 -17.16 61.61 -3.94
N SER F 128 -17.71 62.49 -3.09
CA SER F 128 -19.02 63.08 -3.33
C SER F 128 -18.80 64.52 -3.74
N GLY F 129 -17.94 64.72 -4.74
CA GLY F 129 -17.56 66.05 -5.20
C GLY F 129 -16.29 66.04 -6.04
#